data_4FXP
#
_entry.id   4FXP
#
_cell.length_a   120.948
_cell.length_b   92.348
_cell.length_c   73.183
_cell.angle_alpha   90.00
_cell.angle_beta   113.52
_cell.angle_gamma   90.00
#
_symmetry.space_group_name_H-M   'C 1 2 1'
#
loop_
_entity.id
_entity.type
_entity.pdbx_description
1 polymer 'Adenylyl-sulfate kinase 1, chloroplastic'
2 non-polymer "ADENOSINE-5'-PHOSPHOSULFATE"
3 non-polymer 'SULFATE ION'
4 water water
#
_entity_poly.entity_id   1
_entity_poly.type   'polypeptide(L)'
_entity_poly.pdbx_seq_one_letter_code
;NSTNIKWHECSVEKVDRQRLLDQKGCVIWVTGLSGSGKSTLACALNQMLYQKGKLCYILDGDNVRHGLNRDLSFKAEDRA
ENIRRVGEVAKLFADAGIICIASLISPYRTDRDACRSLLPEGDFVEVFMDVPLSVCEARDPKGLYKLARAGKIKGFTGID
DPYEPPLNCEISLGREGGTSPIEMAEKVVGYLDNKGYLQA
;
_entity_poly.pdbx_strand_id   A,B,C
#
loop_
_chem_comp.id
_chem_comp.type
_chem_comp.name
_chem_comp.formula
ADX RNA linking ADENOSINE-5'-PHOSPHOSULFATE 'C10 H14 N5 O10 P S'
SO4 non-polymer 'SULFATE ION' 'O4 S -2'
#
# COMPACT_ATOMS: atom_id res chain seq x y z
N GLU A 9 14.11 41.89 13.00
CA GLU A 9 13.50 41.16 11.90
C GLU A 9 13.44 42.00 10.63
N CYS A 10 13.93 41.42 9.54
N CYS A 10 13.95 41.44 9.53
CA CYS A 10 13.90 42.09 8.24
CA CYS A 10 13.92 42.11 8.24
C CYS A 10 12.67 41.67 7.46
C CYS A 10 12.73 41.64 7.42
N SER A 11 12.32 42.46 6.45
CA SER A 11 11.15 42.14 5.63
C SER A 11 11.35 40.88 4.76
N VAL A 12 12.60 40.55 4.42
CA VAL A 12 12.85 39.35 3.60
C VAL A 12 12.74 38.08 4.43
N GLU A 13 11.77 37.24 4.08
CA GLU A 13 11.45 36.03 4.86
C GLU A 13 12.00 34.73 4.26
N LYS A 14 11.95 33.66 5.02
CA LYS A 14 12.37 32.35 4.52
C LYS A 14 11.58 31.98 3.26
N VAL A 15 10.28 32.22 3.28
N VAL A 15 10.28 32.23 3.26
CA VAL A 15 9.44 31.94 2.13
CA VAL A 15 9.48 31.88 2.08
C VAL A 15 9.94 32.66 0.88
C VAL A 15 9.89 32.68 0.85
N ASP A 16 10.43 33.87 1.07
CA ASP A 16 10.96 34.70 -0.03
C ASP A 16 12.21 34.05 -0.62
N ARG A 17 13.08 33.58 0.25
CA ARG A 17 14.29 32.91 -0.22
C ARG A 17 13.93 31.61 -0.94
N GLN A 18 12.92 30.90 -0.42
CA GLN A 18 12.48 29.65 -1.05
C GLN A 18 11.87 29.89 -2.42
N ARG A 19 11.10 30.98 -2.54
CA ARG A 19 10.51 31.42 -3.79
C ARG A 19 11.61 31.72 -4.82
N LEU A 20 12.66 32.38 -4.37
CA LEU A 20 13.77 32.71 -5.25
C LEU A 20 14.48 31.44 -5.75
N LEU A 21 14.66 30.47 -4.87
CA LEU A 21 15.40 29.25 -5.20
C LEU A 21 14.53 28.12 -5.76
N ASP A 22 13.21 28.28 -5.67
CA ASP A 22 12.24 27.25 -6.01
C ASP A 22 12.53 25.90 -5.31
N GLN A 23 12.64 25.95 -3.99
CA GLN A 23 12.87 24.76 -3.16
C GLN A 23 12.59 25.14 -1.73
N LYS A 24 12.58 24.17 -0.83
CA LYS A 24 12.35 24.47 0.58
C LYS A 24 13.60 24.13 1.38
N GLY A 25 13.99 25.01 2.30
CA GLY A 25 15.17 24.75 3.11
C GLY A 25 14.92 23.59 4.05
N CYS A 26 15.95 22.80 4.31
CA CYS A 26 15.79 21.63 5.17
C CYS A 26 17.14 21.09 5.58
N VAL A 27 17.14 20.19 6.55
CA VAL A 27 18.36 19.56 7.00
C VAL A 27 18.27 18.08 6.72
N ILE A 28 19.19 17.59 5.88
CA ILE A 28 19.33 16.17 5.64
C ILE A 28 20.46 15.67 6.52
N TRP A 29 20.13 15.02 7.63
CA TRP A 29 21.16 14.65 8.59
C TRP A 29 21.64 13.22 8.38
N VAL A 30 22.83 13.07 7.82
CA VAL A 30 23.36 11.75 7.49
C VAL A 30 24.27 11.24 8.61
N THR A 31 23.92 10.11 9.19
CA THR A 31 24.65 9.57 10.33
C THR A 31 25.04 8.12 10.10
N GLY A 32 26.16 7.68 10.70
CA GLY A 32 26.60 6.31 10.51
C GLY A 32 28.07 6.13 10.87
N LEU A 33 28.50 4.88 11.02
CA LEU A 33 29.90 4.59 11.33
C LEU A 33 30.81 5.14 10.25
N SER A 34 32.07 5.30 10.58
CA SER A 34 33.09 5.57 9.57
C SER A 34 33.05 4.44 8.53
N GLY A 35 33.12 4.80 7.25
CA GLY A 35 33.13 3.79 6.19
C GLY A 35 31.75 3.30 5.76
N SER A 36 30.69 3.86 6.33
CA SER A 36 29.33 3.43 6.01
C SER A 36 28.77 4.09 4.74
N GLY A 37 29.58 4.94 4.10
CA GLY A 37 29.17 5.58 2.86
C GLY A 37 28.48 6.94 2.97
N LYS A 38 28.63 7.62 4.10
CA LYS A 38 27.99 8.92 4.29
C LYS A 38 28.46 9.92 3.23
N SER A 39 29.77 9.99 3.02
CA SER A 39 30.33 11.05 2.19
C SER A 39 30.03 10.80 0.72
N THR A 40 30.05 9.55 0.29
CA THR A 40 29.74 9.25 -1.11
C THR A 40 28.25 9.45 -1.37
N LEU A 41 27.43 9.19 -0.37
CA LEU A 41 26.00 9.46 -0.49
C LEU A 41 25.77 10.97 -0.57
N ALA A 42 26.41 11.73 0.31
CA ALA A 42 26.26 13.19 0.29
C ALA A 42 26.66 13.78 -1.07
N CYS A 43 27.80 13.36 -1.60
N CYS A 43 27.78 13.37 -1.62
CA CYS A 43 28.26 13.86 -2.90
CA CYS A 43 28.20 13.91 -2.90
C CYS A 43 27.32 13.51 -4.06
C CYS A 43 27.23 13.54 -4.02
N ALA A 44 26.84 12.27 -4.07
CA ALA A 44 25.93 11.83 -5.13
C ALA A 44 24.63 12.62 -5.07
N LEU A 45 24.12 12.82 -3.86
CA LEU A 45 22.87 13.56 -3.66
C LEU A 45 23.06 15.02 -4.10
N ASN A 46 24.17 15.63 -3.70
CA ASN A 46 24.49 17.01 -4.10
C ASN A 46 24.52 17.17 -5.62
N GLN A 47 25.23 16.26 -6.30
CA GLN A 47 25.34 16.29 -7.74
C GLN A 47 23.98 16.17 -8.40
N MET A 48 23.19 15.22 -7.90
CA MET A 48 21.87 14.96 -8.44
C MET A 48 20.91 16.14 -8.26
N LEU A 49 20.95 16.75 -7.08
CA LEU A 49 20.13 17.93 -6.81
C LEU A 49 20.61 19.13 -7.62
N TYR A 50 21.92 19.31 -7.71
CA TYR A 50 22.44 20.39 -8.55
C TYR A 50 21.92 20.28 -9.99
N GLN A 51 21.99 19.09 -10.56
CA GLN A 51 21.56 18.90 -11.94
C GLN A 51 20.07 19.24 -12.12
N LYS A 52 19.29 19.07 -11.05
CA LYS A 52 17.88 19.47 -11.04
C LYS A 52 17.67 20.97 -10.75
N GLY A 53 18.75 21.70 -10.53
CA GLY A 53 18.68 23.14 -10.30
C GLY A 53 18.38 23.51 -8.86
N LYS A 54 18.70 22.61 -7.94
CA LYS A 54 18.42 22.86 -6.53
C LYS A 54 19.74 23.13 -5.84
N LEU A 55 19.73 24.01 -4.86
CA LEU A 55 20.97 24.42 -4.19
C LEU A 55 21.13 23.67 -2.87
N CYS A 56 22.21 22.91 -2.74
N CYS A 56 22.23 22.92 -2.78
CA CYS A 56 22.45 22.19 -1.50
CA CYS A 56 22.58 22.17 -1.59
C CYS A 56 23.89 22.34 -1.06
C CYS A 56 23.88 22.67 -1.02
N TYR A 57 24.12 22.35 0.26
CA TYR A 57 25.45 22.56 0.82
C TYR A 57 25.77 21.48 1.85
N ILE A 58 26.96 20.90 1.74
CA ILE A 58 27.37 19.80 2.61
C ILE A 58 28.21 20.30 3.78
N LEU A 59 27.74 20.00 4.99
CA LEU A 59 28.53 20.20 6.20
C LEU A 59 29.08 18.85 6.59
N ASP A 60 30.36 18.67 6.34
CA ASP A 60 31.04 17.40 6.57
CA ASP A 60 30.90 17.36 6.69
C ASP A 60 31.80 17.47 7.90
N GLY A 61 31.68 16.43 8.72
CA GLY A 61 32.29 16.39 10.03
C GLY A 61 33.74 16.77 9.95
N ASP A 62 34.50 16.07 9.13
CA ASP A 62 35.93 16.34 9.06
C ASP A 62 36.20 17.80 8.68
N ASN A 63 35.56 18.30 7.63
CA ASN A 63 35.84 19.69 7.19
C ASN A 63 35.53 20.78 8.22
N VAL A 64 34.29 20.78 8.71
CA VAL A 64 33.89 21.69 9.78
C VAL A 64 34.85 21.60 10.97
N ARG A 65 35.40 20.42 11.21
CA ARG A 65 36.35 20.25 12.31
C ARG A 65 37.70 20.92 12.08
N HIS A 66 37.96 21.38 10.86
CA HIS A 66 39.17 22.17 10.62
C HIS A 66 38.91 23.67 10.59
N GLY A 67 37.65 24.06 10.83
CA GLY A 67 37.33 25.48 10.86
C GLY A 67 36.54 25.89 12.09
N LEU A 68 35.23 25.94 11.97
CA LEU A 68 34.37 26.30 13.09
C LEU A 68 34.67 25.48 14.34
N ASN A 69 34.83 24.18 14.15
CA ASN A 69 35.03 23.24 15.27
C ASN A 69 36.47 22.78 15.46
N ARG A 70 37.42 23.62 15.05
CA ARG A 70 38.83 23.29 15.17
C ARG A 70 39.26 23.14 16.63
N ASP A 71 38.46 23.67 17.54
CA ASP A 71 38.78 23.60 18.97
C ASP A 71 38.32 22.30 19.64
N LEU A 72 37.59 21.45 18.91
CA LEU A 72 36.99 20.25 19.51
C LEU A 72 37.77 18.95 19.32
N SER A 73 37.81 18.13 20.36
CA SER A 73 38.41 16.81 20.28
C SER A 73 37.33 15.75 20.11
N PHE A 74 37.66 14.49 20.38
CA PHE A 74 36.68 13.41 20.26
C PHE A 74 36.18 12.82 21.58
N LYS A 75 36.44 13.52 22.66
CA LYS A 75 35.90 13.17 23.94
C LYS A 75 34.42 13.31 23.79
N ALA A 76 33.68 12.57 24.56
CA ALA A 76 32.23 12.53 24.38
C ALA A 76 31.59 13.93 24.45
N GLU A 77 32.06 14.75 25.38
CA GLU A 77 31.52 16.10 25.55
C GLU A 77 31.83 16.97 24.35
N ASP A 78 32.96 16.70 23.68
CA ASP A 78 33.35 17.49 22.52
C ASP A 78 32.59 17.04 21.28
N ARG A 79 32.26 15.75 21.21
CA ARG A 79 31.42 15.26 20.13
C ARG A 79 30.01 15.86 20.27
N ALA A 80 29.53 15.96 21.51
CA ALA A 80 28.24 16.59 21.76
C ALA A 80 28.23 18.03 21.25
N GLU A 81 29.29 18.78 21.57
CA GLU A 81 29.39 20.18 21.13
C GLU A 81 29.54 20.26 19.61
N ASN A 82 30.34 19.35 19.04
CA ASN A 82 30.51 19.25 17.59
C ASN A 82 29.13 19.13 16.92
N ILE A 83 28.35 18.17 17.39
N ILE A 83 28.35 18.16 17.38
CA ILE A 83 27.02 17.93 16.85
CA ILE A 83 27.02 17.91 16.85
C ILE A 83 26.09 19.11 17.07
C ILE A 83 26.07 19.09 17.07
N ARG A 84 26.11 19.67 18.27
CA ARG A 84 25.24 20.78 18.61
C ARG A 84 25.51 21.96 17.68
N ARG A 85 26.77 22.30 17.48
CA ARG A 85 27.09 23.44 16.62
C ARG A 85 26.70 23.17 15.18
N VAL A 86 26.97 21.96 14.70
CA VAL A 86 26.61 21.62 13.33
C VAL A 86 25.10 21.71 13.16
N GLY A 87 24.36 21.23 14.16
CA GLY A 87 22.90 21.34 14.15
C GLY A 87 22.42 22.78 14.03
N GLU A 88 23.03 23.68 14.80
CA GLU A 88 22.66 25.10 14.73
C GLU A 88 23.04 25.70 13.37
N VAL A 89 24.21 25.36 12.86
CA VAL A 89 24.60 25.87 11.55
C VAL A 89 23.66 25.36 10.45
N ALA A 90 23.30 24.08 10.54
CA ALA A 90 22.41 23.50 9.54
C ALA A 90 21.04 24.18 9.57
N LYS A 91 20.56 24.52 10.76
CA LYS A 91 19.32 25.29 10.90
C LYS A 91 19.39 26.64 10.18
N LEU A 92 20.54 27.30 10.28
CA LEU A 92 20.72 28.58 9.60
C LEU A 92 20.67 28.38 8.09
N PHE A 93 21.36 27.35 7.59
CA PHE A 93 21.32 27.05 6.16
C PHE A 93 19.91 26.76 5.71
N ALA A 94 19.17 26.01 6.50
CA ALA A 94 17.79 25.70 6.16
C ALA A 94 16.96 26.98 6.13
N ASP A 95 17.23 27.89 7.07
CA ASP A 95 16.48 29.13 7.14
C ASP A 95 16.80 29.98 5.90
N ALA A 96 18.00 29.81 5.37
CA ALA A 96 18.42 30.52 4.17
C ALA A 96 17.78 29.94 2.91
N GLY A 97 17.10 28.81 3.06
CA GLY A 97 16.44 28.14 1.94
C GLY A 97 17.24 27.02 1.30
N ILE A 98 18.42 26.75 1.86
N ILE A 98 18.43 26.76 1.85
CA ILE A 98 19.32 25.73 1.34
CA ILE A 98 19.33 25.74 1.30
C ILE A 98 18.91 24.32 1.78
C ILE A 98 18.98 24.33 1.80
N ILE A 99 19.13 23.34 0.90
CA ILE A 99 19.03 21.95 1.31
C ILE A 99 20.37 21.60 1.91
N CYS A 100 20.43 21.59 3.24
CA CYS A 100 21.70 21.41 3.93
C CYS A 100 21.93 19.95 4.30
N ILE A 101 23.01 19.37 3.78
CA ILE A 101 23.34 17.98 4.06
C ILE A 101 24.43 17.92 5.11
N ALA A 102 24.08 17.48 6.30
CA ALA A 102 25.08 17.32 7.34
C ALA A 102 25.52 15.87 7.35
N SER A 103 26.82 15.66 7.23
N SER A 103 26.82 15.67 7.28
CA SER A 103 27.36 14.31 7.21
CA SER A 103 27.36 14.31 7.21
C SER A 103 28.44 14.16 8.27
C SER A 103 28.43 14.16 8.27
N LEU A 104 28.04 13.60 9.41
CA LEU A 104 28.93 13.46 10.56
C LEU A 104 28.65 12.10 11.13
N ILE A 105 29.64 11.48 11.78
CA ILE A 105 29.39 10.21 12.44
C ILE A 105 28.21 10.37 13.40
N SER A 106 28.22 11.44 14.18
CA SER A 106 27.14 11.81 15.08
C SER A 106 26.60 10.63 15.85
N PRO A 107 27.44 9.98 16.65
CA PRO A 107 27.12 8.68 17.25
C PRO A 107 26.08 8.63 18.35
N TYR A 108 25.76 9.77 18.97
CA TYR A 108 24.86 9.73 20.12
C TYR A 108 23.45 10.18 19.77
N ARG A 109 22.47 9.35 20.12
CA ARG A 109 21.07 9.64 19.80
C ARG A 109 20.56 10.93 20.42
N THR A 110 20.94 11.19 21.67
CA THR A 110 20.42 12.38 22.35
C THR A 110 20.86 13.67 21.65
N ASP A 111 22.05 13.62 21.06
CA ASP A 111 22.60 14.79 20.39
C ASP A 111 21.95 14.99 19.03
N ARG A 112 21.77 13.92 18.26
CA ARG A 112 21.02 14.04 17.01
C ARG A 112 19.58 14.48 17.27
N ASP A 113 18.96 13.90 18.31
CA ASP A 113 17.60 14.31 18.68
C ASP A 113 17.53 15.80 19.03
N ALA A 114 18.57 16.32 19.67
CA ALA A 114 18.59 17.73 20.00
C ALA A 114 18.64 18.58 18.73
N CYS A 115 19.35 18.10 17.71
CA CYS A 115 19.41 18.83 16.44
C CYS A 115 18.04 18.84 15.79
N ARG A 116 17.36 17.69 15.83
CA ARG A 116 16.02 17.59 15.29
C ARG A 116 15.09 18.61 15.94
N SER A 117 15.23 18.77 17.26
CA SER A 117 14.35 19.64 18.03
C SER A 117 14.50 21.10 17.64
N LEU A 118 15.62 21.46 17.04
CA LEU A 118 15.88 22.83 16.61
C LEU A 118 15.02 23.25 15.43
N LEU A 119 14.50 22.27 14.71
CA LEU A 119 13.79 22.53 13.46
C LEU A 119 12.30 22.23 13.56
N PRO A 120 11.48 22.89 12.72
CA PRO A 120 10.06 22.52 12.63
C PRO A 120 9.89 21.09 12.10
N GLU A 121 8.80 20.46 12.50
CA GLU A 121 8.54 19.08 12.10
C GLU A 121 8.51 18.95 10.58
N GLY A 122 9.19 17.94 10.07
CA GLY A 122 9.31 17.76 8.63
C GLY A 122 10.59 18.32 8.03
N ASP A 123 11.16 19.34 8.67
CA ASP A 123 12.35 20.03 8.14
C ASP A 123 13.67 19.32 8.44
N PHE A 124 13.62 18.27 9.24
CA PHE A 124 14.84 17.51 9.61
C PHE A 124 14.64 16.08 9.16
N VAL A 125 15.46 15.64 8.20
CA VAL A 125 15.35 14.30 7.63
C VAL A 125 16.56 13.51 8.05
N GLU A 126 16.37 12.60 9.00
CA GLU A 126 17.48 11.81 9.53
C GLU A 126 17.68 10.61 8.60
N VAL A 127 18.90 10.47 8.10
CA VAL A 127 19.25 9.42 7.14
C VAL A 127 20.32 8.53 7.77
N PHE A 128 19.98 7.26 7.97
CA PHE A 128 20.88 6.33 8.63
C PHE A 128 21.58 5.45 7.60
N MET A 129 22.91 5.48 7.58
CA MET A 129 23.67 4.53 6.77
C MET A 129 23.75 3.22 7.55
N ASP A 130 22.80 2.34 7.28
CA ASP A 130 22.63 1.11 8.07
C ASP A 130 23.58 0.03 7.59
N VAL A 131 24.86 0.19 7.89
CA VAL A 131 25.89 -0.72 7.41
C VAL A 131 26.65 -1.28 8.60
N PRO A 132 26.73 -2.61 8.72
CA PRO A 132 27.37 -3.17 9.91
C PRO A 132 28.87 -2.87 9.97
N LEU A 133 29.39 -2.81 11.20
CA LEU A 133 30.81 -2.60 11.44
C LEU A 133 31.69 -3.46 10.53
N SER A 134 31.36 -4.74 10.40
CA SER A 134 32.22 -5.65 9.64
C SER A 134 32.37 -5.18 8.19
N VAL A 135 31.29 -4.69 7.60
CA VAL A 135 31.36 -4.17 6.23
C VAL A 135 32.14 -2.85 6.17
N CYS A 136 31.87 -1.97 7.13
CA CYS A 136 32.61 -0.71 7.22
C CYS A 136 34.11 -0.95 7.41
N GLU A 137 34.46 -1.91 8.25
CA GLU A 137 35.88 -2.17 8.51
C GLU A 137 36.56 -2.82 7.30
N ALA A 138 35.83 -3.64 6.56
CA ALA A 138 36.38 -4.24 5.35
C ALA A 138 36.67 -3.19 4.30
N ARG A 139 35.80 -2.17 4.21
CA ARG A 139 36.05 -1.05 3.31
C ARG A 139 37.21 -0.19 3.80
N ASP A 140 37.15 0.23 5.06
CA ASP A 140 38.19 1.07 5.64
C ASP A 140 38.92 1.83 4.54
N PRO A 141 38.22 2.78 3.92
CA PRO A 141 38.78 3.54 2.80
C PRO A 141 39.91 4.47 3.24
N LYS A 142 39.78 5.04 4.43
CA LYS A 142 40.77 5.99 4.91
C LYS A 142 41.77 5.37 5.89
N GLY A 143 41.71 4.05 6.06
CA GLY A 143 42.66 3.35 6.91
C GLY A 143 42.48 3.60 8.39
N LEU A 144 41.39 4.26 8.76
CA LEU A 144 41.10 4.55 10.17
C LEU A 144 40.94 3.31 11.04
N TYR A 145 40.19 2.32 10.57
CA TYR A 145 40.04 1.10 11.36
C TYR A 145 41.39 0.43 11.55
N LYS A 146 42.21 0.44 10.49
CA LYS A 146 43.57 -0.08 10.56
C LYS A 146 44.33 0.62 11.66
N LEU A 147 44.18 1.95 11.73
CA LEU A 147 44.91 2.74 12.71
C LEU A 147 44.38 2.44 14.11
N ALA A 148 43.07 2.24 14.22
CA ALA A 148 42.47 1.97 15.51
C ALA A 148 42.92 0.61 16.03
N ARG A 149 43.00 -0.37 15.14
CA ARG A 149 43.46 -1.72 15.51
C ARG A 149 44.91 -1.70 15.94
N ALA A 150 45.73 -0.93 15.22
CA ALA A 150 47.15 -0.82 15.53
C ALA A 150 47.36 0.00 16.79
N GLY A 151 46.27 0.49 17.37
CA GLY A 151 46.31 1.23 18.61
C GLY A 151 46.55 2.73 18.50
N LYS A 152 46.74 3.23 17.27
CA LYS A 152 47.01 4.66 17.06
C LYS A 152 45.87 5.55 17.52
N ILE A 153 44.63 5.09 17.37
CA ILE A 153 43.49 5.91 17.72
C ILE A 153 42.68 5.27 18.84
N LYS A 154 42.68 5.89 20.01
CA LYS A 154 41.87 5.41 21.13
C LYS A 154 40.44 5.96 21.07
N GLY A 155 39.49 5.19 21.57
CA GLY A 155 38.10 5.61 21.57
C GLY A 155 37.53 5.85 20.18
N PHE A 156 37.87 4.98 19.23
CA PHE A 156 37.33 5.09 17.89
C PHE A 156 35.91 4.52 17.84
N THR A 157 34.98 5.33 17.36
CA THR A 157 33.59 4.91 17.18
C THR A 157 33.46 3.52 16.56
N GLY A 158 32.74 2.63 17.23
CA GLY A 158 32.47 1.30 16.71
C GLY A 158 33.46 0.27 17.22
N ILE A 159 34.63 0.74 17.62
CA ILE A 159 35.68 -0.11 18.16
C ILE A 159 35.70 -0.02 19.69
N ASP A 160 36.06 1.15 20.21
CA ASP A 160 36.08 1.36 21.66
C ASP A 160 35.41 2.66 22.03
N ASP A 161 34.39 3.02 21.24
CA ASP A 161 33.51 4.14 21.56
C ASP A 161 32.17 3.85 20.90
N PRO A 162 31.07 4.26 21.54
CA PRO A 162 29.75 3.78 21.11
C PRO A 162 29.16 4.48 19.88
N TYR A 163 28.45 3.72 19.06
CA TYR A 163 27.55 4.31 18.07
C TYR A 163 26.13 3.88 18.41
N GLU A 164 25.21 4.84 18.51
CA GLU A 164 23.82 4.56 18.84
C GLU A 164 22.94 4.87 17.63
N PRO A 165 22.45 3.81 16.96
CA PRO A 165 21.63 3.99 15.76
C PRO A 165 20.32 4.71 16.02
N PRO A 166 19.79 5.43 15.01
CA PRO A 166 18.49 6.10 15.12
C PRO A 166 17.38 5.09 15.36
N LEU A 167 16.45 5.42 16.24
CA LEU A 167 15.32 4.53 16.53
C LEU A 167 14.14 4.82 15.60
N ASN A 168 14.13 6.01 15.01
CA ASN A 168 13.03 6.39 14.14
C ASN A 168 13.44 7.40 13.07
N CYS A 169 14.39 7.01 12.23
CA CYS A 169 14.84 7.89 11.16
C CYS A 169 13.89 7.83 9.97
N GLU A 170 13.90 8.90 9.17
CA GLU A 170 13.04 9.00 8.00
C GLU A 170 13.51 8.08 6.88
N ILE A 171 14.81 7.90 6.76
CA ILE A 171 15.37 7.11 5.68
C ILE A 171 16.49 6.23 6.18
N SER A 172 16.40 4.94 5.88
N SER A 172 16.44 4.94 5.83
CA SER A 172 17.50 4.04 6.18
CA SER A 172 17.50 4.01 6.21
C SER A 172 18.09 3.62 4.84
C SER A 172 18.11 3.39 4.96
N LEU A 173 19.42 3.58 4.77
CA LEU A 173 20.07 3.20 3.52
C LEU A 173 21.18 2.19 3.71
N GLY A 174 21.46 1.44 2.64
CA GLY A 174 22.68 0.66 2.51
C GLY A 174 22.70 -0.74 3.11
N ARG A 175 21.61 -1.14 3.72
CA ARG A 175 21.61 -2.44 4.40
C ARG A 175 21.72 -3.63 3.44
N GLU A 176 21.14 -3.50 2.26
CA GLU A 176 21.06 -4.60 1.31
C GLU A 176 22.42 -4.99 0.72
N GLY A 177 23.20 -3.99 0.31
CA GLY A 177 24.46 -4.25 -0.34
C GLY A 177 24.28 -4.36 -1.85
N GLY A 178 25.30 -3.96 -2.59
CA GLY A 178 25.17 -3.87 -4.04
C GLY A 178 24.18 -2.77 -4.38
N THR A 179 24.00 -1.84 -3.45
CA THR A 179 23.25 -0.62 -3.74
C THR A 179 24.26 0.53 -3.76
N SER A 180 24.23 1.30 -4.84
CA SER A 180 25.30 2.25 -5.11
C SER A 180 24.99 3.58 -4.48
N PRO A 181 26.00 4.45 -4.37
CA PRO A 181 25.79 5.80 -3.89
C PRO A 181 24.70 6.48 -4.69
N ILE A 182 24.75 6.29 -6.01
CA ILE A 182 23.75 6.96 -6.86
C ILE A 182 22.34 6.39 -6.63
N GLU A 183 22.22 5.08 -6.52
CA GLU A 183 20.89 4.56 -6.28
C GLU A 183 20.33 5.05 -4.94
N MET A 184 21.19 5.10 -3.93
CA MET A 184 20.79 5.60 -2.62
C MET A 184 20.40 7.07 -2.67
N ALA A 185 21.16 7.87 -3.42
CA ALA A 185 20.81 9.28 -3.58
C ALA A 185 19.45 9.43 -4.25
N GLU A 186 19.20 8.61 -5.27
CA GLU A 186 17.88 8.62 -5.93
C GLU A 186 16.75 8.38 -4.95
N LYS A 187 16.95 7.51 -3.98
CA LYS A 187 15.92 7.24 -2.97
C LYS A 187 15.69 8.47 -2.12
N VAL A 188 16.77 9.13 -1.73
CA VAL A 188 16.65 10.37 -0.96
C VAL A 188 15.95 11.46 -1.77
N VAL A 189 16.35 11.63 -3.02
CA VAL A 189 15.74 12.65 -3.86
C VAL A 189 14.25 12.36 -4.05
N GLY A 190 13.90 11.08 -4.18
CA GLY A 190 12.51 10.70 -4.34
C GLY A 190 11.70 11.09 -3.11
N TYR A 191 12.27 10.84 -1.95
CA TYR A 191 11.63 11.19 -0.70
C TYR A 191 11.41 12.71 -0.59
N LEU A 192 12.48 13.49 -0.85
CA LEU A 192 12.40 14.94 -0.80
C LEU A 192 11.36 15.47 -1.78
N ASP A 193 11.37 14.93 -3.00
CA ASP A 193 10.42 15.33 -4.02
C ASP A 193 8.97 15.11 -3.55
N ASN A 194 8.71 13.90 -3.03
CA ASN A 194 7.37 13.57 -2.53
C ASN A 194 6.92 14.40 -1.33
N LYS A 195 7.87 14.75 -0.47
CA LYS A 195 7.56 15.59 0.68
C LYS A 195 7.38 17.07 0.31
N GLY A 196 7.67 17.40 -0.94
CA GLY A 196 7.46 18.75 -1.44
C GLY A 196 8.64 19.72 -1.24
N TYR A 197 9.78 19.19 -0.83
CA TYR A 197 10.93 20.06 -0.56
C TYR A 197 11.69 20.56 -1.79
N LEU A 198 11.30 20.10 -2.99
CA LEU A 198 12.01 20.47 -4.20
C LEU A 198 11.28 21.51 -5.05
N GLN A 199 10.30 22.17 -4.46
CA GLN A 199 9.66 23.31 -5.10
C GLN A 199 9.30 24.31 -4.02
N ALA A 200 9.23 25.60 -4.36
CA ALA A 200 8.75 26.57 -3.38
C ALA A 200 7.32 26.20 -2.99
N ASN B 1 -17.98 -10.16 14.77
CA ASN B 1 -19.11 -11.02 15.13
C ASN B 1 -18.94 -12.46 14.61
N SER B 2 -17.88 -12.68 13.84
CA SER B 2 -17.57 -14.02 13.33
C SER B 2 -16.71 -14.81 14.32
N THR B 3 -17.36 -15.67 15.08
CA THR B 3 -16.70 -16.50 16.07
C THR B 3 -16.21 -17.83 15.49
N ASN B 4 -15.27 -18.45 16.18
CA ASN B 4 -14.69 -19.72 15.75
C ASN B 4 -14.19 -19.73 14.31
N ILE B 5 -13.57 -18.63 13.90
CA ILE B 5 -12.89 -18.57 12.61
C ILE B 5 -11.38 -18.65 12.84
N LYS B 6 -10.64 -18.96 11.78
CA LYS B 6 -9.18 -19.03 11.86
C LYS B 6 -8.58 -18.74 10.49
N TRP B 7 -7.58 -17.87 10.47
CA TRP B 7 -6.94 -17.46 9.22
C TRP B 7 -6.39 -18.68 8.45
N HIS B 8 -6.65 -18.73 7.15
CA HIS B 8 -6.10 -19.75 6.26
C HIS B 8 -4.93 -19.15 5.49
N GLU B 9 -3.73 -19.68 5.69
CA GLU B 9 -2.55 -19.14 5.03
C GLU B 9 -2.12 -20.00 3.83
N CYS B 10 -1.60 -19.34 2.79
N CYS B 10 -1.63 -19.34 2.79
CA CYS B 10 -1.14 -20.01 1.57
CA CYS B 10 -1.08 -20.05 1.64
C CYS B 10 0.27 -19.55 1.22
C CYS B 10 0.40 -19.75 1.51
N SER B 11 1.05 -20.44 0.59
CA SER B 11 2.48 -20.19 0.35
C SER B 11 2.75 -19.06 -0.64
N VAL B 12 1.80 -18.75 -1.51
CA VAL B 12 1.99 -17.63 -2.44
C VAL B 12 1.76 -16.32 -1.70
N GLU B 13 2.79 -15.48 -1.64
CA GLU B 13 2.77 -14.24 -0.84
C GLU B 13 2.54 -13.00 -1.68
N LYS B 14 2.23 -11.90 -1.01
CA LYS B 14 2.14 -10.61 -1.68
C LYS B 14 3.40 -10.33 -2.51
N VAL B 15 4.59 -10.57 -1.94
CA VAL B 15 5.82 -10.24 -2.70
C VAL B 15 5.95 -11.11 -3.96
N ASP B 16 5.36 -12.31 -3.93
CA ASP B 16 5.36 -13.19 -5.11
C ASP B 16 4.47 -12.61 -6.21
N ARG B 17 3.28 -12.16 -5.85
CA ARG B 17 2.41 -11.51 -6.82
C ARG B 17 3.06 -10.23 -7.36
N GLN B 18 3.72 -9.47 -6.48
CA GLN B 18 4.36 -8.24 -6.92
C GLN B 18 5.50 -8.54 -7.89
N ARG B 19 6.21 -9.64 -7.63
CA ARG B 19 7.31 -10.09 -8.47
C ARG B 19 6.79 -10.43 -9.86
N LEU B 20 5.64 -11.08 -9.91
CA LEU B 20 4.98 -11.42 -11.17
C LEU B 20 4.55 -10.17 -11.94
N LEU B 21 3.96 -9.21 -11.23
CA LEU B 21 3.44 -7.99 -11.88
C LEU B 21 4.51 -6.92 -12.11
N ASP B 22 5.66 -7.08 -11.46
CA ASP B 22 6.70 -6.05 -11.44
C ASP B 22 6.18 -4.69 -10.98
N GLN B 23 5.49 -4.68 -9.83
CA GLN B 23 5.02 -3.44 -9.23
C GLN B 23 4.67 -3.76 -7.79
N LYS B 24 4.40 -2.73 -7.01
CA LYS B 24 4.00 -2.92 -5.63
C LYS B 24 2.55 -2.52 -5.45
N GLY B 25 1.80 -3.34 -4.71
CA GLY B 25 0.40 -3.05 -4.46
C GLY B 25 0.24 -1.87 -3.53
N CYS B 26 -0.81 -1.10 -3.73
N CYS B 26 -0.80 -1.08 -3.75
CA CYS B 26 -1.10 0.02 -2.86
CA CYS B 26 -0.99 0.16 -3.00
C CYS B 26 -2.50 0.52 -3.08
C CYS B 26 -2.40 0.72 -3.21
N VAL B 27 -2.91 1.46 -2.24
CA VAL B 27 -4.22 2.08 -2.38
C VAL B 27 -4.03 3.57 -2.66
N ILE B 28 -4.60 4.03 -3.77
CA ILE B 28 -4.60 5.46 -4.10
C ILE B 28 -6.00 5.95 -3.74
N TRP B 29 -6.11 6.64 -2.62
CA TRP B 29 -7.43 7.06 -2.14
C TRP B 29 -7.76 8.48 -2.59
N VAL B 30 -8.60 8.58 -3.62
CA VAL B 30 -8.99 9.88 -4.19
C VAL B 30 -10.27 10.38 -3.54
N THR B 31 -10.18 11.53 -2.87
CA THR B 31 -11.32 12.08 -2.14
C THR B 31 -11.60 13.53 -2.56
N GLY B 32 -12.87 13.94 -2.48
CA GLY B 32 -13.23 15.29 -2.86
C GLY B 32 -14.70 15.47 -3.16
N LEU B 33 -15.15 16.72 -3.28
CA LEU B 33 -16.57 16.98 -3.55
C LEU B 33 -17.00 16.40 -4.89
N SER B 34 -18.31 16.22 -5.06
CA SER B 34 -18.86 15.94 -6.38
C SER B 34 -18.40 17.03 -7.35
N GLY B 35 -17.94 16.63 -8.53
CA GLY B 35 -17.53 17.58 -9.55
C GLY B 35 -16.10 18.09 -9.40
N SER B 36 -15.37 17.52 -8.45
CA SER B 36 -14.00 17.98 -8.20
C SER B 36 -12.96 17.32 -9.11
N GLY B 37 -13.41 16.42 -9.97
CA GLY B 37 -12.51 15.77 -10.91
C GLY B 37 -11.92 14.44 -10.46
N LYS B 38 -12.50 13.83 -9.44
CA LYS B 38 -12.02 12.54 -8.94
C LYS B 38 -12.01 11.49 -10.07
N SER B 39 -13.15 11.31 -10.72
CA SER B 39 -13.29 10.31 -11.76
C SER B 39 -12.37 10.55 -12.96
N THR B 40 -12.24 11.80 -13.41
CA THR B 40 -11.38 12.07 -14.55
C THR B 40 -9.92 11.81 -14.22
N LEU B 41 -9.52 12.15 -13.00
CA LEU B 41 -8.17 11.84 -12.55
C LEU B 41 -7.92 10.34 -12.51
N ALA B 42 -8.86 9.61 -11.90
CA ALA B 42 -8.72 8.16 -11.77
C ALA B 42 -8.54 7.51 -13.14
N CYS B 43 -9.37 7.92 -14.10
N CYS B 43 -9.37 7.91 -14.11
CA CYS B 43 -9.28 7.36 -15.46
CA CYS B 43 -9.27 7.37 -15.46
C CYS B 43 -7.94 7.69 -16.11
C CYS B 43 -7.94 7.69 -16.12
N ALA B 44 -7.48 8.92 -15.95
CA ALA B 44 -6.20 9.34 -16.53
C ALA B 44 -5.05 8.58 -15.89
N LEU B 45 -5.13 8.37 -14.58
CA LEU B 45 -4.07 7.67 -13.84
C LEU B 45 -3.98 6.21 -14.31
N ASN B 46 -5.13 5.55 -14.34
CA ASN B 46 -5.24 4.19 -14.82
C ASN B 46 -4.64 4.01 -16.22
N GLN B 47 -5.00 4.90 -17.14
CA GLN B 47 -4.49 4.84 -18.51
C GLN B 47 -2.99 4.97 -18.58
N MET B 48 -2.44 5.91 -17.80
CA MET B 48 -1.02 6.17 -17.78
C MET B 48 -0.27 4.96 -17.23
N LEU B 49 -0.81 4.38 -16.17
CA LEU B 49 -0.18 3.22 -15.55
C LEU B 49 -0.26 2.00 -16.46
N TYR B 50 -1.42 1.79 -17.07
CA TYR B 50 -1.57 0.70 -18.03
C TYR B 50 -0.54 0.81 -19.16
N GLN B 51 -0.36 2.00 -19.71
CA GLN B 51 0.60 2.19 -20.80
C GLN B 51 2.02 1.86 -20.37
N LYS B 52 2.29 1.94 -19.08
CA LYS B 52 3.60 1.61 -18.54
C LYS B 52 3.67 0.17 -18.10
N GLY B 53 2.64 -0.60 -18.46
CA GLY B 53 2.60 -2.02 -18.17
C GLY B 53 2.24 -2.34 -16.73
N LYS B 54 1.58 -1.41 -16.06
CA LYS B 54 1.22 -1.62 -14.65
C LYS B 54 -0.26 -1.95 -14.49
N LEU B 55 -0.57 -2.79 -13.52
CA LEU B 55 -1.94 -3.25 -13.31
C LEU B 55 -2.65 -2.41 -12.26
N CYS B 56 -3.69 -1.73 -12.71
CA CYS B 56 -4.47 -0.84 -11.86
CA CYS B 56 -4.48 -0.86 -11.84
C CYS B 56 -5.94 -1.27 -11.87
N TYR B 57 -6.67 -0.91 -10.83
CA TYR B 57 -8.12 -1.15 -10.82
C TYR B 57 -8.86 -0.08 -10.02
N ILE B 58 -9.89 0.50 -10.63
CA ILE B 58 -10.65 1.58 -10.02
C ILE B 58 -11.91 1.11 -9.30
N LEU B 59 -12.00 1.47 -8.01
CA LEU B 59 -13.23 1.30 -7.24
C LEU B 59 -13.91 2.67 -7.14
N ASP B 60 -14.92 2.85 -7.99
CA ASP B 60 -15.69 4.08 -8.03
C ASP B 60 -16.91 3.96 -7.13
N GLY B 61 -17.25 5.07 -6.49
CA GLY B 61 -18.36 5.10 -5.55
C GLY B 61 -19.65 4.66 -6.19
N ASP B 62 -20.04 5.35 -7.26
CA ASP B 62 -21.13 4.83 -8.07
C ASP B 62 -21.39 3.39 -8.43
N ASN B 63 -20.36 2.72 -8.95
CA ASN B 63 -20.50 1.36 -9.44
C ASN B 63 -20.55 0.42 -8.26
N VAL B 64 -19.56 0.57 -7.39
CA VAL B 64 -19.56 -0.13 -6.11
C VAL B 64 -20.92 -0.01 -5.43
N ARG B 65 -21.52 1.18 -5.50
CA ARG B 65 -22.85 1.39 -4.92
C ARG B 65 -23.96 0.68 -5.68
N HIS B 66 -23.63 0.18 -6.87
CA HIS B 66 -24.59 -0.59 -7.68
C HIS B 66 -24.38 -2.10 -7.53
N GLY B 67 -23.36 -2.50 -6.79
CA GLY B 67 -23.07 -3.91 -6.56
C GLY B 67 -22.85 -4.25 -5.10
N LEU B 68 -21.60 -4.27 -4.67
CA LEU B 68 -21.27 -4.59 -3.28
C LEU B 68 -22.08 -3.74 -2.29
N ASN B 69 -22.21 -2.45 -2.58
CA ASN B 69 -22.85 -1.53 -1.63
C ASN B 69 -24.25 -1.05 -2.07
N ARG B 70 -24.91 -1.87 -2.88
CA ARG B 70 -26.26 -1.56 -3.33
C ARG B 70 -27.25 -1.45 -2.18
N ASP B 71 -26.90 -2.01 -1.03
CA ASP B 71 -27.78 -1.95 0.14
C ASP B 71 -27.63 -0.66 0.98
N LEU B 72 -26.70 0.21 0.59
CA LEU B 72 -26.42 1.41 1.38
C LEU B 72 -27.03 2.71 0.81
N SER B 73 -27.48 3.58 1.70
CA SER B 73 -28.00 4.88 1.30
C SER B 73 -26.94 5.96 1.50
N PHE B 74 -27.37 7.18 1.83
CA PHE B 74 -26.44 8.27 2.07
C PHE B 74 -26.56 8.87 3.48
N LYS B 75 -27.31 8.22 4.35
CA LYS B 75 -27.29 8.58 5.75
C LYS B 75 -25.84 8.50 6.23
N ALA B 76 -25.51 9.25 7.28
CA ALA B 76 -24.12 9.28 7.74
C ALA B 76 -23.57 7.89 8.03
N GLU B 77 -24.34 7.06 8.71
CA GLU B 77 -23.88 5.72 9.08
C GLU B 77 -23.69 4.80 7.84
N ASP B 78 -24.47 5.04 6.80
CA ASP B 78 -24.33 4.25 5.57
C ASP B 78 -23.11 4.69 4.78
N ARG B 79 -22.83 5.99 4.78
CA ARG B 79 -21.60 6.49 4.15
C ARG B 79 -20.38 5.92 4.87
N ALA B 80 -20.46 5.85 6.20
CA ALA B 80 -19.39 5.25 6.98
C ALA B 80 -19.17 3.80 6.57
N GLU B 81 -20.25 3.06 6.37
CA GLU B 81 -20.14 1.65 5.98
C GLU B 81 -19.66 1.53 4.54
N ASN B 82 -20.13 2.43 3.68
CA ASN B 82 -19.66 2.47 2.29
C ASN B 82 -18.14 2.58 2.24
N ILE B 83 -17.61 3.54 2.99
CA ILE B 83 -16.17 3.78 3.03
C ILE B 83 -15.40 2.63 3.68
N ARG B 84 -15.95 2.06 4.74
CA ARG B 84 -15.31 0.94 5.41
C ARG B 84 -15.14 -0.25 4.45
N ARG B 85 -16.22 -0.61 3.76
CA ARG B 85 -16.16 -1.77 2.87
C ARG B 85 -15.20 -1.50 1.74
N VAL B 86 -15.23 -0.29 1.19
CA VAL B 86 -14.31 0.03 0.10
C VAL B 86 -12.85 -0.01 0.58
N GLY B 87 -12.61 0.46 1.80
CA GLY B 87 -11.27 0.36 2.38
C GLY B 87 -10.77 -1.07 2.52
N GLU B 88 -11.65 -1.97 2.99
CA GLU B 88 -11.27 -3.38 3.12
C GLU B 88 -11.05 -4.03 1.76
N VAL B 89 -11.89 -3.71 0.78
CA VAL B 89 -11.70 -4.25 -0.57
C VAL B 89 -10.41 -3.73 -1.21
N ALA B 90 -10.16 -2.45 -1.04
CA ALA B 90 -8.95 -1.83 -1.58
C ALA B 90 -7.72 -2.51 -0.96
N LYS B 91 -7.81 -2.82 0.32
CA LYS B 91 -6.74 -3.55 1.01
C LYS B 91 -6.49 -4.92 0.36
N LEU B 92 -7.56 -5.63 0.02
CA LEU B 92 -7.45 -6.92 -0.66
C LEU B 92 -6.75 -6.75 -2.01
N PHE B 93 -7.15 -5.73 -2.77
CA PHE B 93 -6.50 -5.43 -4.05
C PHE B 93 -5.01 -5.13 -3.91
N ALA B 94 -4.66 -4.31 -2.92
CA ALA B 94 -3.25 -4.02 -2.68
C ALA B 94 -2.51 -5.31 -2.29
N ASP B 95 -3.17 -6.20 -1.55
CA ASP B 95 -2.52 -7.43 -1.11
C ASP B 95 -2.30 -8.32 -2.34
N ALA B 96 -3.13 -8.15 -3.36
CA ALA B 96 -3.02 -8.92 -4.58
C ALA B 96 -1.95 -8.34 -5.50
N GLY B 97 -1.34 -7.22 -5.09
CA GLY B 97 -0.27 -6.61 -5.85
C GLY B 97 -0.73 -5.49 -6.79
N ILE B 98 -2.02 -5.18 -6.74
CA ILE B 98 -2.63 -4.23 -7.67
C ILE B 98 -2.55 -2.80 -7.15
N ILE B 99 -2.38 -1.85 -8.05
CA ILE B 99 -2.52 -0.44 -7.71
C ILE B 99 -4.00 -0.10 -7.74
N CYS B 100 -4.60 0.00 -6.57
CA CYS B 100 -6.05 0.13 -6.48
C CYS B 100 -6.40 1.59 -6.27
N ILE B 101 -7.21 2.14 -7.17
CA ILE B 101 -7.62 3.54 -7.07
C ILE B 101 -9.05 3.60 -6.55
N ALA B 102 -9.20 4.10 -5.33
CA ALA B 102 -10.53 4.21 -4.74
C ALA B 102 -10.96 5.65 -4.89
N SER B 103 -12.08 5.86 -5.57
N SER B 103 -12.04 5.89 -5.63
CA SER B 103 -12.56 7.21 -5.87
CA SER B 103 -12.52 7.25 -5.83
C SER B 103 -14.00 7.36 -5.40
C SER B 103 -13.98 7.39 -5.41
N LEU B 104 -14.17 7.91 -4.21
CA LEU B 104 -15.48 8.14 -3.65
C LEU B 104 -15.39 9.50 -3.01
N ILE B 105 -16.53 10.17 -2.84
CA ILE B 105 -16.51 11.45 -2.14
C ILE B 105 -15.83 11.27 -0.79
N SER B 106 -16.18 10.21 -0.07
CA SER B 106 -15.57 9.87 1.22
C SER B 106 -15.47 11.11 2.09
N PRO B 107 -16.57 11.73 2.43
CA PRO B 107 -16.55 13.08 2.99
C PRO B 107 -16.08 13.13 4.43
N TYR B 108 -16.09 12.00 5.13
CA TYR B 108 -15.80 11.99 6.56
C TYR B 108 -14.34 11.62 6.88
N ARG B 109 -13.67 12.47 7.64
CA ARG B 109 -12.25 12.31 7.93
C ARG B 109 -11.93 11.05 8.73
N THR B 110 -12.77 10.77 9.72
N THR B 110 -12.75 10.78 9.73
CA THR B 110 -12.52 9.64 10.61
CA THR B 110 -12.53 9.63 10.60
C THR B 110 -12.66 8.29 9.90
C THR B 110 -12.54 8.34 9.80
N ASP B 111 -13.45 8.26 8.82
CA ASP B 111 -13.61 7.04 8.04
C ASP B 111 -12.47 6.84 7.05
N ARG B 112 -12.02 7.92 6.43
CA ARG B 112 -10.82 7.84 5.56
C ARG B 112 -9.61 7.42 6.39
N ASP B 113 -9.46 8.00 7.57
CA ASP B 113 -8.36 7.67 8.47
C ASP B 113 -8.42 6.20 8.92
N ALA B 114 -9.64 5.66 9.02
CA ALA B 114 -9.79 4.24 9.38
C ALA B 114 -9.31 3.34 8.24
N CYS B 115 -9.62 3.70 7.00
CA CYS B 115 -9.11 2.96 5.85
C CYS B 115 -7.58 3.00 5.80
N ARG B 116 -7.00 4.15 6.11
CA ARG B 116 -5.56 4.30 6.14
C ARG B 116 -4.93 3.31 7.13
N SER B 117 -5.55 3.16 8.30
CA SER B 117 -4.98 2.34 9.34
C SER B 117 -5.06 0.84 9.01
N LEU B 118 -5.81 0.49 7.97
CA LEU B 118 -5.95 -0.90 7.56
C LEU B 118 -4.72 -1.37 6.80
N LEU B 119 -3.95 -0.42 6.27
CA LEU B 119 -2.81 -0.72 5.41
C LEU B 119 -1.49 -0.49 6.11
N PRO B 120 -0.42 -1.17 5.64
CA PRO B 120 0.90 -0.86 6.16
C PRO B 120 1.28 0.59 5.86
N GLU B 121 2.12 1.16 6.72
CA GLU B 121 2.66 2.48 6.49
C GLU B 121 3.22 2.54 5.06
N GLY B 122 2.81 3.56 4.32
CA GLY B 122 3.31 3.73 2.96
C GLY B 122 2.51 3.07 1.85
N ASP B 123 1.49 2.30 2.21
CA ASP B 123 0.67 1.63 1.19
C ASP B 123 -0.64 2.38 0.90
N PHE B 124 -0.83 3.50 1.56
CA PHE B 124 -2.05 4.30 1.42
C PHE B 124 -1.70 5.72 1.02
N VAL B 125 -2.05 6.08 -0.21
CA VAL B 125 -1.74 7.40 -0.74
C VAL B 125 -3.03 8.20 -0.86
N GLU B 126 -3.23 9.13 0.08
CA GLU B 126 -4.46 9.91 0.09
C GLU B 126 -4.31 11.14 -0.83
N VAL B 127 -5.25 11.24 -1.76
CA VAL B 127 -5.20 12.26 -2.82
C VAL B 127 -6.45 13.13 -2.72
N PHE B 128 -6.23 14.41 -2.42
CA PHE B 128 -7.32 15.37 -2.26
C PHE B 128 -7.49 16.17 -3.54
N MET B 129 -8.70 16.12 -4.11
CA MET B 129 -9.05 17.02 -5.20
C MET B 129 -9.44 18.35 -4.56
N ASP B 130 -8.45 19.20 -4.41
CA ASP B 130 -8.58 20.47 -3.71
C ASP B 130 -9.24 21.52 -4.60
N VAL B 131 -10.50 21.27 -4.94
CA VAL B 131 -11.32 22.18 -5.74
C VAL B 131 -12.50 22.64 -4.89
N PRO B 132 -12.65 23.95 -4.71
CA PRO B 132 -13.66 24.50 -3.80
C PRO B 132 -15.09 24.27 -4.28
N LEU B 133 -16.01 24.19 -3.34
CA LEU B 133 -17.42 23.98 -3.64
C LEU B 133 -17.95 24.97 -4.67
N SER B 134 -17.59 26.24 -4.50
CA SER B 134 -18.08 27.25 -5.43
C SER B 134 -17.71 26.86 -6.85
N VAL B 135 -16.54 26.27 -7.03
CA VAL B 135 -16.10 25.88 -8.36
C VAL B 135 -16.76 24.59 -8.83
N CYS B 136 -16.98 23.67 -7.90
CA CYS B 136 -17.65 22.42 -8.24
C CYS B 136 -19.08 22.66 -8.70
N GLU B 137 -19.78 23.57 -8.02
CA GLU B 137 -21.12 23.95 -8.45
C GLU B 137 -21.09 24.44 -9.89
N ALA B 138 -20.19 25.39 -10.16
CA ALA B 138 -20.06 25.97 -11.48
C ALA B 138 -20.00 24.89 -12.55
N ARG B 139 -19.21 23.85 -12.29
CA ARG B 139 -19.14 22.71 -13.19
C ARG B 139 -20.47 21.97 -13.21
N ASP B 140 -20.86 21.39 -12.08
CA ASP B 140 -22.15 20.71 -11.94
C ASP B 140 -22.48 19.86 -13.12
N PRO B 141 -21.61 18.96 -13.53
CA PRO B 141 -21.81 18.18 -14.75
C PRO B 141 -23.06 17.30 -14.69
N LYS B 142 -23.17 16.48 -13.64
CA LYS B 142 -24.28 15.53 -13.54
C LYS B 142 -25.61 16.22 -13.22
N GLY B 143 -25.56 17.53 -12.99
CA GLY B 143 -26.74 18.31 -12.68
C GLY B 143 -27.12 18.22 -11.21
N LEU B 144 -26.27 17.53 -10.44
CA LEU B 144 -26.57 17.22 -9.05
C LEU B 144 -26.68 18.44 -8.13
N TYR B 145 -25.84 19.46 -8.32
CA TYR B 145 -25.90 20.60 -7.45
C TYR B 145 -27.19 21.36 -7.65
N LYS B 146 -27.66 21.41 -8.89
CA LYS B 146 -28.92 22.07 -9.22
C LYS B 146 -30.07 21.37 -8.51
N LEU B 147 -30.02 20.03 -8.51
CA LEU B 147 -31.05 19.25 -7.85
C LEU B 147 -31.04 19.52 -6.34
N ALA B 148 -29.84 19.50 -5.74
CA ALA B 148 -29.68 19.77 -4.31
C ALA B 148 -30.16 21.17 -3.91
N ARG B 149 -29.76 22.18 -4.66
CA ARG B 149 -30.24 23.52 -4.39
C ARG B 149 -31.76 23.62 -4.51
N ALA B 150 -32.33 22.89 -5.46
CA ALA B 150 -33.78 22.90 -5.66
C ALA B 150 -34.50 22.08 -4.58
N GLY B 151 -33.73 21.42 -3.72
CA GLY B 151 -34.27 20.67 -2.61
C GLY B 151 -34.76 19.27 -2.96
N LYS B 152 -34.32 18.76 -4.12
CA LYS B 152 -34.74 17.43 -4.55
C LYS B 152 -33.81 16.34 -4.00
N ILE B 153 -32.57 16.70 -3.72
CA ILE B 153 -31.67 15.78 -3.05
C ILE B 153 -31.32 16.36 -1.68
N LYS B 154 -31.84 15.74 -0.63
CA LYS B 154 -31.55 16.18 0.73
C LYS B 154 -30.16 15.69 1.11
N GLY B 155 -29.52 16.43 2.02
CA GLY B 155 -28.23 16.03 2.55
C GLY B 155 -27.14 15.83 1.52
N PHE B 156 -27.11 16.66 0.48
CA PHE B 156 -26.06 16.54 -0.52
C PHE B 156 -24.74 17.13 -0.02
N THR B 157 -23.66 16.37 -0.19
CA THR B 157 -22.33 16.77 0.28
C THR B 157 -21.91 18.15 -0.21
N GLY B 158 -21.51 19.01 0.73
CA GLY B 158 -21.06 20.36 0.41
C GLY B 158 -22.20 21.37 0.46
N ILE B 159 -23.44 20.89 0.39
CA ILE B 159 -24.61 21.76 0.48
C ILE B 159 -25.37 21.60 1.78
N ASP B 160 -25.74 20.38 2.13
CA ASP B 160 -26.52 20.09 3.33
C ASP B 160 -25.93 18.90 4.08
N ASP B 161 -24.67 18.59 3.81
CA ASP B 161 -23.96 17.55 4.53
C ASP B 161 -22.48 17.85 4.43
N PRO B 162 -21.74 17.63 5.54
CA PRO B 162 -20.36 18.12 5.59
C PRO B 162 -19.39 17.36 4.69
N TYR B 163 -18.38 18.07 4.21
CA TYR B 163 -17.21 17.43 3.63
C TYR B 163 -16.01 17.88 4.45
N GLU B 164 -15.26 16.92 4.98
CA GLU B 164 -14.12 17.23 5.83
C GLU B 164 -12.83 16.95 5.08
N PRO B 165 -12.12 18.00 4.65
CA PRO B 165 -10.91 17.76 3.84
C PRO B 165 -9.80 17.07 4.64
N PRO B 166 -8.93 16.33 3.95
CA PRO B 166 -7.76 15.71 4.59
C PRO B 166 -6.88 16.78 5.20
N LEU B 167 -6.31 16.51 6.37
CA LEU B 167 -5.43 17.46 7.02
C LEU B 167 -3.96 17.12 6.73
N ASN B 168 -3.72 15.93 6.23
N ASN B 168 -3.72 15.93 6.23
CA ASN B 168 -2.36 15.50 5.94
CA ASN B 168 -2.36 15.50 5.94
C ASN B 168 -2.29 14.47 4.81
C ASN B 168 -2.29 14.47 4.81
N CYS B 169 -2.85 14.85 3.65
CA CYS B 169 -2.83 13.96 2.50
C CYS B 169 -1.46 13.96 1.84
N GLU B 170 -1.15 12.85 1.15
CA GLU B 170 0.12 12.72 0.43
C GLU B 170 0.18 13.61 -0.81
N ILE B 171 -0.96 13.82 -1.45
CA ILE B 171 -1.00 14.58 -2.69
C ILE B 171 -2.24 15.45 -2.72
N SER B 172 -2.07 16.74 -3.03
CA SER B 172 -3.19 17.64 -3.18
C SER B 172 -3.21 18.14 -4.62
N LEU B 173 -4.35 17.99 -5.30
CA LEU B 173 -4.42 18.33 -6.72
C LEU B 173 -5.57 19.28 -7.04
N GLY B 174 -5.47 19.92 -8.20
CA GLY B 174 -6.59 20.69 -8.73
C GLY B 174 -6.54 22.18 -8.50
N ARG B 175 -5.51 22.64 -7.78
CA ARG B 175 -5.33 24.04 -7.47
C ARG B 175 -4.04 24.62 -8.04
N GLU B 176 -2.90 24.12 -7.58
CA GLU B 176 -1.59 24.48 -8.12
C GLU B 176 -1.36 23.72 -9.42
N GLY B 177 -1.41 24.43 -10.54
CA GLY B 177 -1.28 23.82 -11.85
C GLY B 177 -0.02 22.99 -11.94
N GLY B 178 0.03 22.05 -12.90
CA GLY B 178 -1.00 21.89 -13.90
C GLY B 178 -2.27 21.20 -13.43
N THR B 179 -3.37 21.52 -14.11
CA THR B 179 -4.70 21.15 -13.64
C THR B 179 -5.45 20.28 -14.64
N SER B 180 -4.82 19.93 -15.75
CA SER B 180 -5.41 18.97 -16.68
C SER B 180 -5.37 17.59 -16.03
N PRO B 181 -6.27 16.69 -16.45
CA PRO B 181 -6.30 15.34 -15.86
C PRO B 181 -4.97 14.62 -16.06
N ILE B 182 -4.40 14.73 -17.26
CA ILE B 182 -3.14 14.08 -17.57
C ILE B 182 -1.99 14.63 -16.74
N GLU B 183 -1.94 15.95 -16.59
CA GLU B 183 -0.88 16.56 -15.79
C GLU B 183 -0.98 16.11 -14.34
N MET B 184 -2.20 16.04 -13.82
CA MET B 184 -2.41 15.61 -12.45
C MET B 184 -2.09 14.13 -12.31
N ALA B 185 -2.47 13.33 -13.30
CA ALA B 185 -2.12 11.92 -13.33
C ALA B 185 -0.61 11.72 -13.30
N GLU B 186 0.10 12.47 -14.14
CA GLU B 186 1.56 12.41 -14.18
C GLU B 186 2.15 12.67 -12.79
N LYS B 187 1.53 13.57 -12.05
CA LYS B 187 2.02 13.89 -10.71
C LYS B 187 1.90 12.67 -9.79
N VAL B 188 0.75 12.00 -9.85
CA VAL B 188 0.54 10.79 -9.03
C VAL B 188 1.50 9.67 -9.43
N VAL B 189 1.64 9.44 -10.73
CA VAL B 189 2.60 8.46 -11.21
C VAL B 189 4.01 8.75 -10.69
N GLY B 190 4.43 10.02 -10.76
CA GLY B 190 5.74 10.40 -10.27
C GLY B 190 5.90 10.13 -8.78
N TYR B 191 4.83 10.35 -8.04
CA TYR B 191 4.84 10.07 -6.61
C TYR B 191 5.08 8.57 -6.36
N LEU B 192 4.36 7.71 -7.09
CA LEU B 192 4.56 6.27 -6.96
C LEU B 192 5.97 5.89 -7.38
N ASP B 193 6.42 6.43 -8.50
CA ASP B 193 7.77 6.14 -8.98
C ASP B 193 8.82 6.52 -7.93
N ASN B 194 8.63 7.69 -7.32
CA ASN B 194 9.55 8.18 -6.30
C ASN B 194 9.64 7.26 -5.08
N LYS B 195 8.59 6.46 -4.88
CA LYS B 195 8.52 5.49 -3.78
C LYS B 195 9.08 4.14 -4.22
N GLY B 196 9.34 4.02 -5.52
CA GLY B 196 9.82 2.76 -6.08
C GLY B 196 8.69 1.75 -6.19
N TYR B 197 7.45 2.21 -6.19
CA TYR B 197 6.29 1.31 -6.26
C TYR B 197 5.96 0.87 -7.68
N LEU B 198 6.70 1.37 -8.67
CA LEU B 198 6.45 0.92 -10.03
C LEU B 198 7.37 -0.22 -10.49
N GLN B 199 8.03 -0.83 -9.51
CA GLN B 199 8.79 -2.06 -9.77
CA GLN B 199 8.81 -2.04 -9.76
C GLN B 199 8.70 -2.94 -8.54
N ALA B 200 8.84 -4.25 -8.73
CA ALA B 200 8.77 -5.18 -7.62
C ALA B 200 9.91 -4.94 -6.65
N CYS C 10 -11.83 4.48 -17.00
CA CYS C 10 -12.92 3.95 -17.81
C CYS C 10 -12.47 3.62 -19.23
N SER C 11 -11.24 4.00 -19.57
CA SER C 11 -10.69 3.73 -20.89
C SER C 11 -9.93 2.41 -20.95
N VAL C 12 -9.53 1.91 -19.78
CA VAL C 12 -8.87 0.61 -19.69
C VAL C 12 -9.88 -0.47 -19.32
N GLU C 13 -10.17 -1.36 -20.26
CA GLU C 13 -11.21 -2.36 -20.04
C GLU C 13 -10.65 -3.73 -19.65
N LYS C 14 -11.56 -4.66 -19.37
CA LYS C 14 -11.17 -6.01 -18.97
C LYS C 14 -10.23 -6.64 -19.98
N VAL C 15 -10.58 -6.53 -21.26
CA VAL C 15 -9.77 -7.12 -22.31
C VAL C 15 -8.35 -6.60 -22.26
N ASP C 16 -8.21 -5.31 -21.93
CA ASP C 16 -6.89 -4.68 -21.85
C ASP C 16 -6.07 -5.30 -20.72
N ARG C 17 -6.69 -5.45 -19.55
CA ARG C 17 -6.02 -6.06 -18.41
C ARG C 17 -5.65 -7.51 -18.71
N GLN C 18 -6.51 -8.20 -19.46
CA GLN C 18 -6.25 -9.61 -19.78
C GLN C 18 -5.08 -9.76 -20.76
N ARG C 19 -4.97 -8.82 -21.69
CA ARG C 19 -3.81 -8.80 -22.57
C ARG C 19 -2.56 -8.63 -21.73
N LEU C 20 -2.62 -7.71 -20.77
CA LEU C 20 -1.50 -7.45 -19.87
C LEU C 20 -1.08 -8.72 -19.11
N LEU C 21 -2.06 -9.42 -18.55
CA LEU C 21 -1.78 -10.59 -17.71
C LEU C 21 -1.66 -11.91 -18.50
N ASP C 22 -2.06 -11.91 -19.76
CA ASP C 22 -2.14 -13.13 -20.56
C ASP C 22 -2.96 -14.24 -19.88
N GLN C 23 -4.14 -13.87 -19.38
CA GLN C 23 -5.07 -14.83 -18.79
C GLN C 23 -6.43 -14.19 -18.84
N LYS C 24 -7.47 -14.93 -18.48
CA LYS C 24 -8.80 -14.35 -18.42
C LYS C 24 -9.32 -14.34 -16.99
N GLY C 25 -9.81 -13.18 -16.56
CA GLY C 25 -10.37 -13.05 -15.22
C GLY C 25 -11.57 -13.96 -15.07
N CYS C 26 -11.73 -14.52 -13.88
CA CYS C 26 -12.85 -15.41 -13.62
C CYS C 26 -12.99 -15.66 -12.13
N VAL C 27 -14.07 -16.32 -11.76
CA VAL C 27 -14.30 -16.66 -10.37
C VAL C 27 -14.39 -18.17 -10.23
N ILE C 28 -13.48 -18.75 -9.44
CA ILE C 28 -13.52 -20.17 -9.13
C ILE C 28 -14.17 -20.29 -7.78
N TRP C 29 -15.43 -20.73 -7.75
CA TRP C 29 -16.18 -20.71 -6.50
C TRP C 29 -16.17 -22.09 -5.85
N VAL C 30 -15.40 -22.21 -4.79
CA VAL C 30 -15.19 -23.50 -4.13
C VAL C 30 -16.08 -23.61 -2.91
N THR C 31 -17.01 -24.57 -2.95
CA THR C 31 -18.01 -24.72 -1.89
C THR C 31 -17.95 -26.13 -1.31
N GLY C 32 -18.37 -26.29 -0.06
CA GLY C 32 -18.30 -27.58 0.59
C GLY C 32 -18.25 -27.47 2.10
N LEU C 33 -18.58 -28.56 2.79
CA LEU C 33 -18.54 -28.59 4.25
C LEU C 33 -17.18 -28.19 4.79
N SER C 34 -17.16 -27.77 6.06
CA SER C 34 -15.90 -27.65 6.78
C SER C 34 -15.17 -28.99 6.76
N GLY C 35 -13.87 -28.96 6.46
CA GLY C 35 -13.06 -30.16 6.41
C GLY C 35 -13.12 -30.91 5.09
N SER C 36 -13.80 -30.35 4.10
CA SER C 36 -13.92 -31.02 2.80
C SER C 36 -12.71 -30.77 1.89
N GLY C 37 -11.78 -29.93 2.34
CA GLY C 37 -10.56 -29.67 1.60
C GLY C 37 -10.56 -28.43 0.72
N LYS C 38 -11.51 -27.53 0.97
CA LYS C 38 -11.60 -26.28 0.20
C LYS C 38 -10.27 -25.52 0.22
N SER C 39 -9.74 -25.31 1.42
CA SER C 39 -8.62 -24.39 1.58
C SER C 39 -7.30 -24.96 1.06
N THR C 40 -7.06 -26.25 1.29
CA THR C 40 -5.87 -26.88 0.74
C THR C 40 -5.98 -26.97 -0.79
N LEU C 41 -7.18 -27.17 -1.31
CA LEU C 41 -7.36 -27.11 -2.76
C LEU C 41 -7.05 -25.69 -3.30
N ALA C 42 -7.65 -24.67 -2.68
CA ALA C 42 -7.38 -23.27 -3.07
C ALA C 42 -5.89 -22.98 -3.11
N CYS C 43 -5.20 -23.35 -2.04
N CYS C 43 -5.19 -23.35 -2.05
CA CYS C 43 -3.76 -23.10 -1.94
CA CYS C 43 -3.76 -23.07 -1.99
C CYS C 43 -2.95 -23.82 -3.03
C CYS C 43 -2.97 -23.82 -3.06
N ALA C 44 -3.24 -25.11 -3.22
CA ALA C 44 -2.53 -25.89 -4.22
C ALA C 44 -2.80 -25.33 -5.62
N LEU C 45 -4.03 -24.88 -5.85
CA LEU C 45 -4.40 -24.30 -7.13
C LEU C 45 -3.65 -22.98 -7.35
N ASN C 46 -3.61 -22.14 -6.33
CA ASN C 46 -2.88 -20.87 -6.41
C ASN C 46 -1.39 -21.09 -6.72
N GLN C 47 -0.77 -22.02 -5.99
N GLN C 47 -0.79 -22.00 -5.96
CA GLN C 47 0.65 -22.33 -6.18
CA GLN C 47 0.62 -22.38 -6.14
C GLN C 47 0.93 -22.79 -7.61
C GLN C 47 0.92 -22.80 -7.57
N MET C 48 0.08 -23.69 -8.10
CA MET C 48 0.25 -24.28 -9.40
C MET C 48 0.12 -23.24 -10.50
N LEU C 49 -0.90 -22.39 -10.38
CA LEU C 49 -1.12 -21.33 -11.35
C LEU C 49 0.00 -20.30 -11.28
N TYR C 50 0.44 -19.98 -10.07
CA TYR C 50 1.52 -19.01 -9.93
C TYR C 50 2.78 -19.49 -10.66
N GLN C 51 3.10 -20.78 -10.49
CA GLN C 51 4.28 -21.34 -11.16
C GLN C 51 4.14 -21.25 -12.68
N LYS C 52 2.89 -21.27 -13.14
N LYS C 52 2.90 -21.26 -13.16
CA LYS C 52 2.61 -21.12 -14.57
CA LYS C 52 2.65 -21.12 -14.59
C LYS C 52 2.52 -19.66 -15.00
C LYS C 52 2.58 -19.66 -15.02
N GLY C 53 2.81 -18.75 -14.07
CA GLY C 53 2.83 -17.32 -14.37
C GLY C 53 1.45 -16.68 -14.46
N LYS C 54 0.47 -17.31 -13.82
CA LYS C 54 -0.90 -16.78 -13.79
C LYS C 54 -1.18 -16.18 -12.42
N LEU C 55 -1.88 -15.06 -12.43
CA LEU C 55 -2.15 -14.33 -11.18
C LEU C 55 -3.51 -14.70 -10.57
N CYS C 56 -3.44 -15.28 -9.39
CA CYS C 56 -4.64 -15.71 -8.66
CA CYS C 56 -4.65 -15.69 -8.68
C CYS C 56 -4.74 -14.98 -7.35
N TYR C 57 -5.95 -14.88 -6.81
CA TYR C 57 -6.14 -14.35 -5.46
C TYR C 57 -7.25 -15.10 -4.76
N ILE C 58 -6.96 -15.58 -3.55
CA ILE C 58 -7.93 -16.34 -2.77
C ILE C 58 -8.75 -15.46 -1.83
N LEU C 59 -10.06 -15.50 -1.99
CA LEU C 59 -10.97 -14.90 -1.03
C LEU C 59 -11.50 -16.01 -0.16
N ASP C 60 -10.93 -16.13 1.03
CA ASP C 60 -11.26 -17.23 1.92
C ASP C 60 -12.30 -16.76 2.93
N GLY C 61 -13.30 -17.59 3.18
CA GLY C 61 -14.39 -17.22 4.06
C GLY C 61 -13.94 -16.79 5.44
N ASP C 62 -13.14 -17.62 6.09
CA ASP C 62 -12.58 -17.27 7.40
C ASP C 62 -11.81 -15.95 7.31
N ASN C 63 -10.89 -15.88 6.34
CA ASN C 63 -10.05 -14.70 6.19
C ASN C 63 -10.84 -13.40 6.03
N VAL C 64 -11.84 -13.43 5.16
CA VAL C 64 -12.59 -12.22 4.87
C VAL C 64 -13.48 -11.83 6.06
N ARG C 65 -13.85 -12.81 6.87
CA ARG C 65 -14.62 -12.50 8.09
C ARG C 65 -13.76 -11.83 9.16
N HIS C 66 -12.47 -11.64 8.88
CA HIS C 66 -11.57 -10.86 9.73
C HIS C 66 -11.57 -9.37 9.35
N GLY C 67 -12.00 -9.06 8.13
CA GLY C 67 -11.96 -7.70 7.62
C GLY C 67 -13.29 -7.21 7.09
N LEU C 68 -13.46 -7.31 5.77
CA LEU C 68 -14.69 -6.85 5.11
C LEU C 68 -15.95 -7.35 5.80
N ASN C 69 -15.96 -8.63 6.17
CA ASN C 69 -17.15 -9.26 6.73
C ASN C 69 -17.08 -9.52 8.23
N ARG C 70 -16.27 -8.75 8.95
CA ARG C 70 -16.12 -8.93 10.38
C ARG C 70 -17.38 -8.54 11.16
N ASP C 71 -18.34 -7.95 10.46
CA ASP C 71 -19.60 -7.54 11.09
C ASP C 71 -20.68 -8.62 11.01
N LEU C 72 -20.39 -9.71 10.30
CA LEU C 72 -21.39 -10.76 10.09
C LEU C 72 -21.25 -11.86 11.14
N SER C 73 -22.36 -12.56 11.39
CA SER C 73 -22.33 -13.75 12.22
C SER C 73 -22.53 -14.96 11.31
N PHE C 74 -23.06 -16.05 11.88
CA PHE C 74 -23.37 -17.24 11.10
C PHE C 74 -24.88 -17.55 11.02
N LYS C 75 -25.70 -16.56 11.36
CA LYS C 75 -27.14 -16.65 11.17
C LYS C 75 -27.42 -16.73 9.68
N ALA C 76 -28.53 -17.37 9.32
CA ALA C 76 -28.84 -17.58 7.91
C ALA C 76 -28.74 -16.29 7.10
N GLU C 77 -29.33 -15.21 7.61
CA GLU C 77 -29.29 -13.95 6.87
C GLU C 77 -27.87 -13.38 6.76
N ASP C 78 -27.03 -13.62 7.76
CA ASP C 78 -25.66 -13.13 7.70
C ASP C 78 -24.82 -13.96 6.74
N ARG C 79 -25.10 -15.26 6.66
CA ARG C 79 -24.39 -16.09 5.70
C ARG C 79 -24.77 -15.68 4.30
N ALA C 80 -26.05 -15.35 4.11
CA ALA C 80 -26.51 -14.84 2.82
C ALA C 80 -25.75 -13.58 2.43
N GLU C 81 -25.63 -12.63 3.37
CA GLU C 81 -24.90 -11.39 3.12
C GLU C 81 -23.40 -11.62 2.96
N ASN C 82 -22.84 -12.54 3.75
CA ASN C 82 -21.44 -12.91 3.60
C ASN C 82 -21.18 -13.40 2.18
N ILE C 83 -22.00 -14.32 1.70
CA ILE C 83 -21.89 -14.85 0.34
C ILE C 83 -22.09 -13.77 -0.72
N ARG C 84 -23.10 -12.93 -0.52
CA ARG C 84 -23.40 -11.88 -1.49
C ARG C 84 -22.18 -10.97 -1.65
N ARG C 85 -21.63 -10.53 -0.54
CA ARG C 85 -20.49 -9.62 -0.57
C ARG C 85 -19.29 -10.26 -1.26
N VAL C 86 -18.98 -11.51 -0.88
CA VAL C 86 -17.85 -12.17 -1.50
C VAL C 86 -18.10 -12.32 -3.00
N GLY C 87 -19.32 -12.68 -3.37
CA GLY C 87 -19.68 -12.75 -4.77
C GLY C 87 -19.39 -11.44 -5.50
N GLU C 88 -19.72 -10.32 -4.88
CA GLU C 88 -19.51 -9.02 -5.52
C GLU C 88 -18.03 -8.66 -5.62
N VAL C 89 -17.27 -8.95 -4.57
N VAL C 89 -17.27 -8.95 -4.57
CA VAL C 89 -15.83 -8.69 -4.59
CA VAL C 89 -15.83 -8.70 -4.58
C VAL C 89 -15.14 -9.60 -5.61
C VAL C 89 -15.15 -9.59 -5.60
N ALA C 90 -15.55 -10.87 -5.65
CA ALA C 90 -14.99 -11.81 -6.61
C ALA C 90 -15.20 -11.31 -8.04
N LYS C 91 -16.36 -10.70 -8.28
CA LYS C 91 -16.68 -10.15 -9.58
C LYS C 91 -15.74 -9.00 -9.93
N LEU C 92 -15.42 -8.17 -8.93
CA LEU C 92 -14.47 -7.07 -9.14
C LEU C 92 -13.10 -7.65 -9.50
N PHE C 93 -12.68 -8.69 -8.77
CA PHE C 93 -11.40 -9.32 -9.08
C PHE C 93 -11.37 -9.91 -10.48
N ALA C 94 -12.45 -10.55 -10.89
CA ALA C 94 -12.54 -11.10 -12.23
C ALA C 94 -12.45 -9.99 -13.28
N ASP C 95 -13.15 -8.89 -13.03
CA ASP C 95 -13.15 -7.76 -13.95
C ASP C 95 -11.74 -7.16 -14.04
N ALA C 96 -10.96 -7.32 -12.98
CA ALA C 96 -9.59 -6.83 -12.97
C ALA C 96 -8.66 -7.76 -13.75
N GLY C 97 -9.19 -8.92 -14.15
CA GLY C 97 -8.42 -9.88 -14.92
C GLY C 97 -7.81 -10.99 -14.08
N ILE C 98 -8.13 -11.03 -12.79
CA ILE C 98 -7.54 -11.99 -11.88
C ILE C 98 -8.36 -13.28 -11.82
N ILE C 99 -7.68 -14.40 -11.69
CA ILE C 99 -8.35 -15.67 -11.41
C ILE C 99 -8.65 -15.66 -9.92
N CYS C 100 -9.89 -15.34 -9.57
CA CYS C 100 -10.26 -15.19 -8.17
C CYS C 100 -10.84 -16.48 -7.61
N ILE C 101 -10.14 -17.06 -6.63
CA ILE C 101 -10.60 -18.28 -5.97
C ILE C 101 -11.36 -17.95 -4.70
N ALA C 102 -12.67 -18.10 -4.74
CA ALA C 102 -13.49 -17.88 -3.55
C ALA C 102 -13.69 -19.22 -2.87
N SER C 103 -13.28 -19.31 -1.61
N SER C 103 -13.25 -19.33 -1.62
CA SER C 103 -13.37 -20.55 -0.86
CA SER C 103 -13.39 -20.57 -0.86
C SER C 103 -14.18 -20.31 0.41
C SER C 103 -14.18 -20.34 0.41
N LEU C 104 -15.48 -20.63 0.34
CA LEU C 104 -16.40 -20.41 1.46
C LEU C 104 -17.31 -21.62 1.55
N ILE C 105 -17.74 -21.97 2.75
CA ILE C 105 -18.74 -23.05 2.89
C ILE C 105 -19.91 -22.75 1.95
N SER C 106 -20.40 -21.52 1.97
CA SER C 106 -21.41 -21.06 1.04
C SER C 106 -22.56 -22.09 0.87
N PRO C 107 -23.20 -22.44 1.98
CA PRO C 107 -24.05 -23.63 2.09
C PRO C 107 -25.37 -23.55 1.34
N TYR C 108 -25.82 -22.34 1.01
CA TYR C 108 -27.14 -22.16 0.42
C TYR C 108 -27.08 -22.02 -1.10
N ARG C 109 -27.86 -22.87 -1.76
CA ARG C 109 -27.94 -22.93 -3.22
C ARG C 109 -28.36 -21.59 -3.83
N THR C 110 -29.38 -20.99 -3.25
CA THR C 110 -29.91 -19.73 -3.79
C THR C 110 -28.86 -18.63 -3.75
N ASP C 111 -28.06 -18.62 -2.69
CA ASP C 111 -27.03 -17.58 -2.55
C ASP C 111 -25.85 -17.78 -3.51
N ARG C 112 -25.43 -19.03 -3.71
CA ARG C 112 -24.39 -19.31 -4.69
C ARG C 112 -24.86 -19.01 -6.11
N ASP C 113 -26.10 -19.40 -6.41
CA ASP C 113 -26.67 -19.12 -7.72
C ASP C 113 -26.71 -17.61 -8.00
N ALA C 114 -26.98 -16.83 -6.96
CA ALA C 114 -26.99 -15.38 -7.10
C ALA C 114 -25.60 -14.87 -7.52
N CYS C 115 -24.55 -15.36 -6.87
CA CYS C 115 -23.20 -14.97 -7.24
C CYS C 115 -22.92 -15.34 -8.70
N ARG C 116 -23.38 -16.51 -9.11
CA ARG C 116 -23.16 -16.95 -10.49
C ARG C 116 -23.77 -15.93 -11.44
N SER C 117 -24.95 -15.43 -11.05
CA SER C 117 -25.72 -14.52 -11.90
C SER C 117 -25.07 -13.14 -12.04
N LEU C 118 -24.13 -12.82 -11.16
CA LEU C 118 -23.46 -11.52 -11.24
C LEU C 118 -22.46 -11.47 -12.39
N LEU C 119 -22.05 -12.65 -12.85
N LEU C 119 -22.06 -12.65 -12.86
CA LEU C 119 -21.00 -12.74 -13.86
CA LEU C 119 -21.00 -12.75 -13.86
C LEU C 119 -21.54 -13.15 -15.23
C LEU C 119 -21.53 -13.18 -15.23
N PRO C 120 -20.77 -12.83 -16.29
CA PRO C 120 -21.10 -13.27 -17.65
C PRO C 120 -21.04 -14.79 -17.75
N GLU C 121 -21.79 -15.35 -18.69
CA GLU C 121 -21.78 -16.79 -18.93
C GLU C 121 -20.36 -17.32 -19.09
N GLY C 122 -19.97 -18.25 -18.22
CA GLY C 122 -18.66 -18.89 -18.32
C GLY C 122 -17.54 -18.21 -17.55
N ASP C 123 -17.87 -17.26 -16.67
CA ASP C 123 -16.84 -16.60 -15.87
C ASP C 123 -16.96 -17.05 -14.41
N PHE C 124 -17.87 -17.99 -14.17
CA PHE C 124 -18.12 -18.52 -12.84
C PHE C 124 -17.98 -20.03 -12.90
N VAL C 125 -16.95 -20.54 -12.24
CA VAL C 125 -16.71 -21.97 -12.21
C VAL C 125 -16.99 -22.47 -10.81
N GLU C 126 -18.10 -23.18 -10.65
CA GLU C 126 -18.50 -23.68 -9.35
C GLU C 126 -17.81 -25.02 -9.14
N VAL C 127 -17.07 -25.13 -8.03
CA VAL C 127 -16.28 -26.30 -7.71
C VAL C 127 -16.78 -26.87 -6.38
N PHE C 128 -17.31 -28.08 -6.44
CA PHE C 128 -17.89 -28.72 -5.27
C PHE C 128 -16.90 -29.71 -4.66
N MET C 129 -16.59 -29.54 -3.39
CA MET C 129 -15.81 -30.54 -2.69
C MET C 129 -16.77 -31.60 -2.20
N ASP C 130 -16.96 -32.62 -3.03
CA ASP C 130 -18.00 -33.63 -2.82
C ASP C 130 -17.52 -34.65 -1.81
N VAL C 131 -17.37 -34.20 -0.56
CA VAL C 131 -16.84 -35.05 0.50
C VAL C 131 -17.87 -35.22 1.60
N PRO C 132 -18.27 -36.47 1.87
CA PRO C 132 -19.36 -36.74 2.82
C PRO C 132 -19.07 -36.23 4.22
N LEU C 133 -20.12 -35.90 4.95
CA LEU C 133 -19.99 -35.40 6.31
C LEU C 133 -19.13 -36.30 7.19
N SER C 134 -19.29 -37.61 7.03
CA SER C 134 -18.61 -38.54 7.92
C SER C 134 -17.10 -38.44 7.73
N VAL C 135 -16.68 -38.21 6.48
CA VAL C 135 -15.26 -38.03 6.21
C VAL C 135 -14.74 -36.70 6.76
N CYS C 136 -15.53 -35.64 6.62
CA CYS C 136 -15.14 -34.33 7.16
C CYS C 136 -15.04 -34.38 8.68
N GLU C 137 -16.02 -35.03 9.29
CA GLU C 137 -16.07 -35.11 10.75
C GLU C 137 -14.95 -35.99 11.30
N ALA C 138 -14.49 -36.93 10.49
CA ALA C 138 -13.36 -37.77 10.87
C ALA C 138 -12.07 -36.96 10.87
N ARG C 139 -11.86 -36.17 9.82
CA ARG C 139 -10.72 -35.28 9.75
C ARG C 139 -10.76 -34.26 10.88
N ASP C 140 -11.77 -33.40 10.92
CA ASP C 140 -11.99 -32.44 12.00
C ASP C 140 -10.74 -31.72 12.42
N PRO C 141 -10.05 -31.19 11.46
CA PRO C 141 -8.72 -30.61 11.66
C PRO C 141 -8.67 -29.57 12.79
N LYS C 142 -9.74 -28.79 12.96
CA LYS C 142 -9.77 -27.77 13.99
C LYS C 142 -10.67 -28.13 15.16
N GLY C 143 -11.18 -29.37 15.15
CA GLY C 143 -12.06 -29.82 16.22
C GLY C 143 -13.35 -29.04 16.31
N LEU C 144 -13.80 -28.51 15.18
CA LEU C 144 -15.07 -27.78 15.14
C LEU C 144 -16.26 -28.73 15.30
N TYR C 145 -16.23 -29.87 14.62
CA TYR C 145 -17.30 -30.86 14.69
C TYR C 145 -17.47 -31.41 16.10
N LYS C 146 -16.34 -31.65 16.77
CA LYS C 146 -16.35 -32.04 18.17
C LYS C 146 -17.16 -31.04 18.99
N LEU C 147 -16.78 -29.77 18.91
CA LEU C 147 -17.45 -28.72 19.67
C LEU C 147 -18.91 -28.56 19.26
N ALA C 148 -19.19 -28.75 17.98
CA ALA C 148 -20.56 -28.67 17.47
C ALA C 148 -21.43 -29.78 18.05
N ARG C 149 -20.87 -30.99 18.12
CA ARG C 149 -21.59 -32.12 18.70
C ARG C 149 -21.86 -31.86 20.18
N ALA C 150 -20.84 -31.39 20.89
CA ALA C 150 -20.94 -31.10 22.31
C ALA C 150 -21.83 -29.89 22.60
N GLY C 151 -22.41 -29.32 21.53
CA GLY C 151 -23.31 -28.19 21.66
C GLY C 151 -22.60 -26.90 22.02
N LYS C 152 -21.28 -26.89 21.88
CA LYS C 152 -20.48 -25.71 22.21
C LYS C 152 -20.45 -24.72 21.05
N ILE C 153 -20.80 -25.19 19.87
CA ILE C 153 -21.00 -24.33 18.72
C ILE C 153 -22.39 -24.61 18.15
N LYS C 154 -23.15 -23.55 17.95
CA LYS C 154 -24.53 -23.72 17.50
C LYS C 154 -24.69 -23.41 16.01
N GLY C 155 -25.60 -24.13 15.36
CA GLY C 155 -25.89 -23.93 13.95
C GLY C 155 -24.68 -24.18 13.08
N PHE C 156 -23.89 -25.18 13.45
CA PHE C 156 -22.72 -25.52 12.66
C PHE C 156 -23.14 -26.30 11.42
N THR C 157 -22.63 -25.84 10.28
CA THR C 157 -23.00 -26.41 8.98
C THR C 157 -22.87 -27.91 8.92
N GLY C 158 -23.95 -28.58 8.52
CA GLY C 158 -23.95 -30.02 8.34
C GLY C 158 -24.40 -30.75 9.60
N ILE C 159 -24.43 -30.02 10.70
CA ILE C 159 -24.87 -30.57 11.98
C ILE C 159 -26.17 -29.92 12.46
N ASP C 160 -26.18 -28.59 12.53
CA ASP C 160 -27.36 -27.86 12.99
C ASP C 160 -27.74 -26.73 12.04
N ASP C 161 -27.16 -26.77 10.83
CA ASP C 161 -27.52 -25.83 9.77
C ASP C 161 -27.27 -26.57 8.46
N PRO C 162 -28.15 -26.38 7.48
CA PRO C 162 -28.08 -27.22 6.27
C PRO C 162 -26.94 -26.85 5.32
N TYR C 163 -26.49 -27.85 4.57
CA TYR C 163 -25.63 -27.62 3.41
C TYR C 163 -26.36 -28.14 2.17
N GLU C 164 -26.47 -27.29 1.15
CA GLU C 164 -27.17 -27.62 -0.08
C GLU C 164 -26.17 -27.72 -1.22
N PRO C 165 -25.83 -28.96 -1.63
CA PRO C 165 -24.84 -29.15 -2.69
C PRO C 165 -25.31 -28.59 -4.04
N PRO C 166 -24.36 -28.14 -4.88
CA PRO C 166 -24.66 -27.67 -6.23
C PRO C 166 -25.38 -28.76 -7.03
N LEU C 167 -26.29 -28.37 -7.92
CA LEU C 167 -27.04 -29.34 -8.72
C LEU C 167 -26.43 -29.51 -10.11
N ASN C 168 -25.64 -28.54 -10.54
CA ASN C 168 -25.03 -28.60 -11.86
C ASN C 168 -23.77 -27.77 -11.86
N CYS C 169 -22.74 -28.28 -11.19
CA CYS C 169 -21.57 -27.48 -10.92
C CYS C 169 -20.63 -27.87 -12.04
N GLU C 170 -19.68 -27.00 -12.33
CA GLU C 170 -18.72 -27.23 -13.40
C GLU C 170 -17.75 -28.35 -13.03
N ILE C 171 -17.32 -28.38 -11.77
CA ILE C 171 -16.30 -29.32 -11.32
C ILE C 171 -16.70 -29.93 -9.98
N SER C 172 -16.57 -31.24 -9.87
N SER C 172 -16.60 -31.24 -9.89
CA SER C 172 -16.86 -31.91 -8.62
CA SER C 172 -16.85 -31.94 -8.64
C SER C 172 -15.65 -32.74 -8.22
C SER C 172 -15.58 -32.67 -8.25
N LEU C 173 -15.13 -32.50 -7.01
CA LEU C 173 -13.85 -33.06 -6.59
C LEU C 173 -13.92 -33.86 -5.30
N GLY C 174 -13.01 -34.82 -5.16
CA GLY C 174 -12.77 -35.48 -3.88
C GLY C 174 -13.67 -36.65 -3.59
N ARG C 175 -14.48 -37.04 -4.58
CA ARG C 175 -15.46 -38.10 -4.38
C ARG C 175 -14.88 -39.38 -3.78
N GLU C 176 -13.66 -39.74 -4.18
CA GLU C 176 -13.04 -40.94 -3.64
C GLU C 176 -11.65 -41.20 -4.23
N GLY C 177 -10.73 -41.66 -3.40
CA GLY C 177 -9.39 -42.00 -3.85
C GLY C 177 -8.30 -41.23 -3.15
N GLY C 178 -8.47 -40.94 -1.87
CA GLY C 178 -7.44 -40.25 -1.11
C GLY C 178 -6.81 -39.19 -1.99
N THR C 179 -7.50 -38.86 -3.08
CA THR C 179 -7.00 -37.91 -4.07
C THR C 179 -6.56 -36.63 -3.39
N SER C 180 -5.36 -36.20 -3.74
CA SER C 180 -4.66 -35.16 -3.01
C SER C 180 -5.05 -33.76 -3.45
N PRO C 181 -4.74 -32.75 -2.63
CA PRO C 181 -4.98 -31.36 -3.03
C PRO C 181 -4.31 -31.08 -4.39
N ILE C 182 -3.12 -31.59 -4.58
CA ILE C 182 -2.41 -31.28 -5.81
C ILE C 182 -3.06 -31.94 -7.00
N GLU C 183 -3.50 -33.18 -6.84
CA GLU C 183 -4.15 -33.86 -7.95
C GLU C 183 -5.44 -33.12 -8.30
N MET C 184 -6.16 -32.69 -7.27
CA MET C 184 -7.42 -32.00 -7.49
C MET C 184 -7.19 -30.64 -8.15
N ALA C 185 -6.16 -29.93 -7.70
CA ALA C 185 -5.80 -28.67 -8.35
C ALA C 185 -5.47 -28.90 -9.82
N GLU C 186 -4.70 -29.94 -10.12
CA GLU C 186 -4.37 -30.27 -11.51
C GLU C 186 -5.62 -30.37 -12.38
N LYS C 187 -6.66 -30.97 -11.82
CA LYS C 187 -7.91 -31.16 -12.55
C LYS C 187 -8.61 -29.83 -12.79
N VAL C 188 -8.49 -28.92 -11.83
CA VAL C 188 -9.04 -27.59 -12.03
C VAL C 188 -8.28 -26.84 -13.11
N VAL C 189 -6.95 -26.89 -13.05
CA VAL C 189 -6.11 -26.22 -14.04
C VAL C 189 -6.38 -26.78 -15.44
N GLY C 190 -6.50 -28.10 -15.54
CA GLY C 190 -6.82 -28.74 -16.81
C GLY C 190 -8.10 -28.17 -17.39
N TYR C 191 -9.12 -28.04 -16.54
CA TYR C 191 -10.40 -27.48 -16.94
C TYR C 191 -10.26 -26.04 -17.45
N LEU C 192 -9.50 -25.24 -16.72
CA LEU C 192 -9.31 -23.85 -17.08
C LEU C 192 -8.54 -23.74 -18.39
N ASP C 193 -7.50 -24.55 -18.52
CA ASP C 193 -6.67 -24.53 -19.71
C ASP C 193 -7.53 -24.92 -20.89
N ASN C 194 -8.26 -26.01 -20.71
CA ASN C 194 -9.23 -26.52 -21.66
C ASN C 194 -10.18 -25.44 -22.18
N LYS C 195 -10.65 -24.58 -21.27
CA LYS C 195 -11.63 -23.57 -21.62
C LYS C 195 -10.99 -22.24 -22.05
N GLY C 196 -9.67 -22.22 -22.10
CA GLY C 196 -8.94 -21.04 -22.56
C GLY C 196 -8.81 -19.89 -21.57
N TYR C 197 -9.01 -20.17 -20.29
CA TYR C 197 -8.86 -19.11 -19.28
C TYR C 197 -7.41 -18.73 -19.01
N LEU C 198 -6.47 -19.55 -19.47
CA LEU C 198 -5.07 -19.35 -19.09
C LEU C 198 -4.27 -18.63 -20.16
N GLN C 199 -4.97 -17.93 -21.04
CA GLN C 199 -4.35 -17.12 -22.07
C GLN C 199 -5.28 -15.96 -22.35
N ALA C 200 -4.73 -14.82 -22.76
CA ALA C 200 -5.57 -13.70 -23.13
C ALA C 200 -6.47 -14.11 -24.29
SB ADX D . 31.63 13.03 15.43
O1B ADX D . 32.04 14.11 16.29
O2B ADX D . 31.50 11.79 16.23
O3B ADX D . 30.34 13.37 14.80
PA ADX D . 32.99 13.61 13.08
O1A ADX D . 32.77 15.06 13.39
O2A ADX D . 32.13 13.12 11.93
O3A ADX D . 32.70 12.77 14.40
O5' ADX D . 34.51 13.35 12.76
C5' ADX D . 34.97 12.10 12.29
C4' ADX D . 36.28 12.09 11.68
O4' ADX D . 37.24 12.46 12.67
C3' ADX D . 36.69 10.73 11.20
O3' ADX D . 36.50 10.62 9.82
C2' ADX D . 38.07 10.68 11.45
O2' ADX D . 38.75 11.22 10.36
C1' ADX D . 38.35 11.60 12.58
N9 ADX D . 38.63 10.96 13.83
C8 ADX D . 39.70 11.21 14.61
N7 ADX D . 39.55 10.54 15.77
C5 ADX D . 38.37 9.87 15.72
C6 ADX D . 37.70 9.02 16.61
N6 ADX D . 38.27 8.75 17.90
N1 ADX D . 36.50 8.48 16.26
C2 ADX D . 35.96 8.75 15.06
N3 ADX D . 36.57 9.58 14.19
C4 ADX D . 37.77 10.15 14.48
S SO4 E . 31.86 7.42 5.41
O1 SO4 E . 31.79 8.70 4.69
O2 SO4 E . 31.96 6.36 4.39
O3 SO4 E . 33.01 7.36 6.32
O4 SO4 E . 30.66 7.21 6.21
SB ADX F . -19.87 8.65 -0.28
O1B ADX F . -20.56 7.53 0.32
O2B ADX F . -20.14 9.84 0.51
O3B ADX F . -18.41 8.40 -0.40
PA ADX F . -20.09 8.07 -2.98
O1A ADX F . -20.03 6.58 -2.66
O2A ADX F . -18.83 8.52 -3.69
O3A ADX F . -20.38 8.91 -1.67
O5' ADX F . -21.36 8.30 -3.89
C5' ADX F . -21.67 9.57 -4.43
C4' ADX F . -22.62 9.62 -5.52
O4' ADX F . -23.93 9.25 -5.07
C3' ADX F . -22.73 11.01 -6.04
O3' ADX F . -21.95 11.15 -7.19
C2' ADX F . -24.09 11.14 -6.40
O2' ADX F . -24.22 10.65 -7.70
C1' ADX F . -24.84 10.20 -5.55
N9 ADX F . -25.61 10.82 -4.51
C8 ADX F . -26.90 10.59 -4.26
N7 ADX F . -27.25 11.25 -3.15
C5 ADX F . -26.16 11.89 -2.69
C6 ADX F . -25.90 12.72 -1.58
N6 ADX F . -26.93 12.98 -0.64
N1 ADX F . -24.66 13.22 -1.39
C2 ADX F . -23.68 12.93 -2.25
N3 ADX F . -23.88 12.15 -3.31
C4 ADX F . -25.10 11.62 -3.56
S SO4 G . -16.07 13.94 -9.71
O1 SO4 G . -15.23 14.13 -8.53
O2 SO4 G . -15.79 15.01 -10.66
O3 SO4 G . -15.76 12.68 -10.35
O4 SO4 G . -17.47 13.94 -9.29
SB ADX H . -20.41 -19.20 5.13
O1B ADX H . -20.87 -17.88 5.51
O2B ADX H . -21.46 -20.19 5.47
O3B ADX H . -20.17 -19.23 3.68
PA ADX H . -17.70 -19.04 5.66
O1A ADX H . -17.71 -17.56 5.32
O2A ADX H . -17.05 -19.87 4.56
O3A ADX H . -19.19 -19.56 5.92
O5' ADX H . -16.98 -19.19 7.04
C5' ADX H . -16.95 -20.45 7.67
C4' ADX H . -15.85 -20.68 8.58
O4' ADX H . -16.12 -20.07 9.83
C3' ADX H . -15.64 -22.14 8.84
O3' ADX H . -14.53 -22.57 8.11
C2' ADX H . -15.35 -22.21 10.23
O2' ADX H . -13.96 -22.10 10.37
C1' ADX H . -15.94 -21.00 10.85
N9 ADX H . -17.16 -21.21 11.57
C8 ADX H . -17.42 -20.66 12.78
N7 ADX H . -18.70 -20.96 13.11
C5 ADX H . -19.23 -21.70 12.11
C6 ADX H . -20.49 -22.29 11.90
N6 ADX H . -21.53 -22.12 12.87
N1 ADX H . -20.74 -22.98 10.77
C2 ADX H . -19.78 -23.11 9.83
N3 ADX H . -18.55 -22.55 10.01
C4 ADX H . -18.26 -21.86 11.12
S SO4 I . -11.87 -26.99 4.49
O1 SO4 I . -10.95 -25.94 4.02
O2 SO4 I . -11.12 -28.24 4.66
O3 SO4 I . -12.50 -26.61 5.74
O4 SO4 I . -12.89 -27.23 3.48
#